data_4HGN
#
_entry.id   4HGN
#
_cell.length_a   37.522
_cell.length_b   91.198
_cell.length_c   170.067
_cell.angle_alpha   90.00
_cell.angle_beta   90.00
_cell.angle_gamma   90.00
#
_symmetry.space_group_name_H-M   'P 21 21 21'
#
loop_
_entity.id
_entity.type
_entity.pdbx_description
1 polymer '2-keto-3-deoxy-D-manno-octulosonate 8-phosphate phosphohydrolase'
2 non-polymer 'MAGNESIUM ION'
3 non-polymer 'FORMIC ACID'
4 water water
#
_entity_poly.entity_id   1
_entity_poly.type   'polypeptide(L)'
_entity_poly.pdbx_seq_one_letter_code
;GSHMSTINYDLSRIKALAFDVDGVLSSTTVPLHPSGEPMRTVNIKDGYAIQLAVKKGLHIAIITGGRTEAVRIRFAALGV
KDLYMGSAVKIHDYRNFRDKYGLSDDEILYMGDDVPDIEVMRECGLPCCPKDAVPEVKSVAKYISYADGGRGCGRDVVEQ
VLKAHGKWMAEDAFGW
;
_entity_poly.pdbx_strand_id   A,B,C,D
#
loop_
_chem_comp.id
_chem_comp.type
_chem_comp.name
_chem_comp.formula
FMT non-polymer 'FORMIC ACID' 'C H2 O2'
MG non-polymer 'MAGNESIUM ION' 'Mg 2'
#
# COMPACT_ATOMS: atom_id res chain seq x y z
N SER A 5 -8.54 -11.40 18.82
CA SER A 5 -9.14 -12.14 19.93
C SER A 5 -10.64 -12.22 19.71
N THR A 6 -11.38 -12.56 20.75
CA THR A 6 -12.83 -12.52 20.66
C THR A 6 -13.42 -11.46 21.58
N ILE A 7 -14.57 -10.94 21.21
CA ILE A 7 -15.16 -9.82 21.93
C ILE A 7 -15.72 -10.26 23.26
N ASN A 8 -15.36 -9.53 24.32
CA ASN A 8 -15.89 -9.84 25.66
C ASN A 8 -17.23 -9.18 25.89
N TYR A 9 -18.26 -9.77 25.30
CA TYR A 9 -19.58 -9.19 25.30
C TYR A 9 -20.56 -10.27 24.86
N ASP A 10 -21.81 -10.15 25.28
CA ASP A 10 -22.83 -11.07 24.80
C ASP A 10 -23.33 -10.61 23.43
N LEU A 11 -22.70 -11.14 22.39
CA LEU A 11 -22.96 -10.70 21.03
C LEU A 11 -24.33 -11.12 20.52
N SER A 12 -24.99 -12.03 21.24
CA SER A 12 -26.33 -12.43 20.85
C SER A 12 -27.27 -11.26 21.06
N ARG A 13 -26.86 -10.32 21.91
CA ARG A 13 -27.68 -9.16 22.18
C ARG A 13 -27.48 -8.02 21.16
N ILE A 14 -26.39 -8.07 20.39
CA ILE A 14 -26.12 -7.04 19.38
C ILE A 14 -27.05 -7.18 18.17
N LYS A 15 -27.78 -6.11 17.85
CA LYS A 15 -28.74 -6.12 16.74
C LYS A 15 -28.33 -5.15 15.64
N ALA A 16 -27.28 -4.37 15.89
CA ALA A 16 -26.85 -3.37 14.93
C ALA A 16 -25.39 -3.04 15.09
N LEU A 17 -24.73 -2.77 13.97
CA LEU A 17 -23.31 -2.45 13.95
C LEU A 17 -23.10 -1.18 13.13
N ALA A 18 -22.44 -0.19 13.73
CA ALA A 18 -22.18 1.06 13.03
C ALA A 18 -20.69 1.32 12.93
N PHE A 19 -20.24 1.88 11.82
CA PHE A 19 -18.81 2.04 11.58
C PHE A 19 -18.44 3.44 11.12
N ASP A 20 -17.37 3.97 11.69
CA ASP A 20 -16.66 5.08 11.07
C ASP A 20 -16.08 4.55 9.76
N VAL A 21 -15.84 5.41 8.77
CA VAL A 21 -15.21 4.95 7.55
C VAL A 21 -13.70 5.13 7.61
N ASP A 22 -13.24 6.38 7.68
CA ASP A 22 -11.81 6.63 7.53
C ASP A 22 -11.04 6.17 8.75
N GLY A 23 -10.16 5.20 8.55
CA GLY A 23 -9.37 4.68 9.64
C GLY A 23 -9.98 3.45 10.28
N VAL A 24 -11.16 3.06 9.79
CA VAL A 24 -11.84 1.87 10.28
C VAL A 24 -12.16 0.93 9.11
N LEU A 25 -13.01 1.35 8.19
CA LEU A 25 -13.29 0.52 7.02
C LEU A 25 -12.37 0.90 5.86
N SER A 26 -11.72 2.05 6.00
CA SER A 26 -10.75 2.53 5.02
C SER A 26 -9.44 2.79 5.75
N SER A 27 -8.31 2.64 5.06
CA SER A 27 -7.01 2.75 5.71
C SER A 27 -6.74 4.17 6.20
N THR A 28 -5.88 4.29 7.21
CA THR A 28 -5.55 5.62 7.75
C THR A 28 -4.68 6.38 6.76
N THR A 29 -3.83 5.64 6.05
CA THR A 29 -3.01 6.25 5.02
C THR A 29 -3.57 5.89 3.66
N VAL A 30 -3.90 6.90 2.87
CA VAL A 30 -4.59 6.69 1.59
C VAL A 30 -4.00 7.54 0.48
N PRO A 31 -4.15 7.10 -0.77
CA PRO A 31 -3.75 7.94 -1.90
C PRO A 31 -4.54 9.24 -1.93
N LEU A 32 -3.90 10.31 -2.37
CA LEU A 32 -4.56 11.61 -2.52
C LEU A 32 -4.99 11.76 -3.96
N HIS A 33 -6.29 11.85 -4.17
CA HIS A 33 -6.86 12.06 -5.50
C HIS A 33 -6.37 13.42 -6.00
N PRO A 34 -6.12 13.53 -7.32
CA PRO A 34 -5.65 14.80 -7.88
C PRO A 34 -6.57 15.99 -7.57
N SER A 35 -7.83 15.71 -7.26
CA SER A 35 -8.78 16.76 -6.91
C SER A 35 -8.52 17.38 -5.53
N GLY A 36 -7.69 16.74 -4.72
CA GLY A 36 -7.39 17.26 -3.41
C GLY A 36 -8.12 16.51 -2.31
N GLU A 37 -9.05 15.65 -2.72
CA GLU A 37 -9.80 14.83 -1.78
C GLU A 37 -9.06 13.52 -1.54
N PRO A 38 -8.91 13.13 -0.26
CA PRO A 38 -8.33 11.82 0.02
C PRO A 38 -9.16 10.73 -0.63
N MET A 39 -8.50 9.76 -1.25
CA MET A 39 -9.20 8.56 -1.68
C MET A 39 -9.47 7.72 -0.43
N ARG A 40 -10.28 6.68 -0.59
CA ARG A 40 -10.49 5.73 0.50
C ARG A 40 -10.00 4.38 -0.01
N THR A 41 -9.79 3.44 0.91
CA THR A 41 -9.61 2.05 0.52
C THR A 41 -10.82 1.27 1.00
N VAL A 42 -11.00 0.09 0.44
CA VAL A 42 -12.02 -0.84 0.92
C VAL A 42 -11.40 -2.21 1.03
N ASN A 43 -11.98 -3.00 1.91
CA ASN A 43 -11.47 -4.33 2.15
C ASN A 43 -12.53 -5.33 1.71
N ILE A 44 -12.15 -6.28 0.85
CA ILE A 44 -13.12 -7.18 0.24
C ILE A 44 -13.68 -8.19 1.25
N LYS A 45 -12.87 -8.58 2.23
CA LYS A 45 -13.40 -9.41 3.32
C LYS A 45 -14.39 -8.64 4.21
N ASP A 46 -14.14 -7.34 4.44
CA ASP A 46 -15.13 -6.49 5.12
C ASP A 46 -16.43 -6.53 4.33
N GLY A 47 -16.30 -6.32 3.03
CA GLY A 47 -17.46 -6.24 2.15
C GLY A 47 -18.35 -7.46 2.19
N TYR A 48 -17.76 -8.64 2.07
CA TYR A 48 -18.52 -9.88 2.10
C TYR A 48 -19.35 -9.97 3.39
N ALA A 49 -18.72 -9.69 4.52
CA ALA A 49 -19.42 -9.81 5.79
C ALA A 49 -20.49 -8.74 5.96
N ILE A 50 -20.21 -7.54 5.46
CA ILE A 50 -21.18 -6.45 5.60
C ILE A 50 -22.41 -6.73 4.77
N GLN A 51 -22.23 -7.17 3.52
CA GLN A 51 -23.38 -7.48 2.67
C GLN A 51 -24.15 -8.67 3.23
N LEU A 52 -23.41 -9.61 3.84
CA LEU A 52 -24.05 -10.77 4.47
C LEU A 52 -24.91 -10.33 5.65
N ALA A 53 -24.35 -9.45 6.48
CA ALA A 53 -25.04 -8.93 7.67
C ALA A 53 -26.38 -8.29 7.31
N VAL A 54 -26.39 -7.48 6.26
CA VAL A 54 -27.63 -6.88 5.78
C VAL A 54 -28.65 -7.97 5.40
N LYS A 55 -28.16 -8.99 4.71
CA LYS A 55 -29.00 -10.13 4.32
C LYS A 55 -29.51 -10.93 5.53
N LYS A 56 -28.75 -10.92 6.62
CA LYS A 56 -29.12 -11.66 7.84
C LYS A 56 -29.97 -10.82 8.79
N GLY A 57 -30.35 -9.63 8.34
CA GLY A 57 -31.27 -8.82 9.11
C GLY A 57 -30.64 -7.95 10.19
N LEU A 58 -29.31 -7.86 10.22
CA LEU A 58 -28.66 -6.94 11.16
C LEU A 58 -28.70 -5.53 10.57
N HIS A 59 -28.85 -4.54 11.42
CA HIS A 59 -28.85 -3.16 10.99
C HIS A 59 -27.41 -2.67 10.86
N ILE A 60 -27.04 -2.14 9.70
CA ILE A 60 -25.68 -1.66 9.50
C ILE A 60 -25.69 -0.19 9.15
N ALA A 61 -24.84 0.59 9.80
CA ALA A 61 -24.70 2.00 9.48
C ALA A 61 -23.24 2.36 9.25
N ILE A 62 -23.02 3.34 8.39
CA ILE A 62 -21.71 4.00 8.37
C ILE A 62 -21.92 5.45 8.81
N ILE A 63 -21.00 5.95 9.62
CA ILE A 63 -21.09 7.32 10.08
C ILE A 63 -19.76 7.98 9.84
N THR A 64 -19.71 8.87 8.86
CA THR A 64 -18.46 9.46 8.44
C THR A 64 -18.60 10.96 8.20
N GLY A 65 -17.55 11.70 8.52
CA GLY A 65 -17.48 13.11 8.19
C GLY A 65 -17.26 13.29 6.69
N GLY A 66 -16.86 12.22 6.02
CA GLY A 66 -16.57 12.27 4.60
C GLY A 66 -17.84 12.41 3.79
N ARG A 67 -17.72 12.81 2.53
CA ARG A 67 -18.91 13.01 1.70
C ARG A 67 -18.77 12.43 0.30
N THR A 68 -17.74 11.62 0.07
CA THR A 68 -17.46 11.20 -1.30
C THR A 68 -18.52 10.28 -1.88
N GLU A 69 -18.76 10.46 -3.18
CA GLU A 69 -19.70 9.62 -3.89
C GLU A 69 -19.21 8.17 -3.89
N ALA A 70 -17.90 7.97 -4.01
CA ALA A 70 -17.35 6.60 -4.05
C ALA A 70 -17.74 5.80 -2.82
N VAL A 71 -17.60 6.42 -1.65
CA VAL A 71 -17.95 5.76 -0.39
C VAL A 71 -19.46 5.48 -0.34
N ARG A 72 -20.26 6.47 -0.70
CA ARG A 72 -21.71 6.30 -0.72
C ARG A 72 -22.11 5.15 -1.65
N ILE A 73 -21.55 5.17 -2.87
CA ILE A 73 -21.86 4.17 -3.88
C ILE A 73 -21.44 2.76 -3.43
N ARG A 74 -20.25 2.67 -2.85
CA ARG A 74 -19.72 1.37 -2.44
C ARG A 74 -20.59 0.74 -1.34
N PHE A 75 -20.94 1.51 -0.33
CA PHE A 75 -21.70 0.95 0.77
C PHE A 75 -23.16 0.69 0.39
N ALA A 76 -23.70 1.53 -0.49
CA ALA A 76 -25.04 1.32 -0.99
C ALA A 76 -25.10 -0.02 -1.71
N ALA A 77 -24.04 -0.31 -2.47
CA ALA A 77 -23.92 -1.53 -3.25
C ALA A 77 -23.79 -2.78 -2.37
N LEU A 78 -23.30 -2.61 -1.16
CA LEU A 78 -23.30 -3.70 -0.19
C LEU A 78 -24.68 -3.86 0.44
N GLY A 79 -25.61 -2.97 0.07
CA GLY A 79 -26.95 -3.05 0.62
C GLY A 79 -27.12 -2.23 1.89
N VAL A 80 -26.12 -1.42 2.21
CA VAL A 80 -26.22 -0.58 3.40
C VAL A 80 -27.10 0.65 3.13
N LYS A 81 -28.18 0.80 3.88
CA LYS A 81 -29.12 1.89 3.63
C LYS A 81 -28.95 3.05 4.61
N ASP A 82 -28.35 2.79 5.76
CA ASP A 82 -28.12 3.83 6.75
C ASP A 82 -26.76 4.47 6.57
N LEU A 83 -26.69 5.37 5.62
CA LEU A 83 -25.44 6.04 5.26
C LEU A 83 -25.40 7.44 5.86
N TYR A 84 -24.73 7.62 7.00
CA TYR A 84 -24.65 8.95 7.58
C TYR A 84 -23.36 9.64 7.18
N MET A 85 -23.42 10.41 6.10
CA MET A 85 -22.23 11.08 5.62
C MET A 85 -22.25 12.59 5.89
N GLY A 86 -21.12 13.24 5.76
CA GLY A 86 -21.00 14.63 6.18
C GLY A 86 -21.33 14.77 7.66
N SER A 87 -20.97 13.76 8.44
CA SER A 87 -21.29 13.76 9.86
C SER A 87 -20.33 14.64 10.66
N ALA A 88 -20.78 15.83 11.03
CA ALA A 88 -19.94 16.72 11.83
C ALA A 88 -19.94 16.33 13.30
N VAL A 89 -21.11 16.04 13.84
CA VAL A 89 -21.21 15.61 15.23
C VAL A 89 -21.83 14.22 15.26
N LYS A 90 -20.96 13.22 15.42
CA LYS A 90 -21.37 11.84 15.21
C LYS A 90 -22.43 11.34 16.18
N ILE A 91 -22.45 11.87 17.40
CA ILE A 91 -23.43 11.41 18.39
C ILE A 91 -24.87 11.55 17.89
N HIS A 92 -25.17 12.59 17.11
CA HIS A 92 -26.54 12.80 16.63
C HIS A 92 -26.93 11.69 15.67
N ASP A 93 -25.98 11.29 14.85
CA ASP A 93 -26.25 10.29 13.83
C ASP A 93 -26.35 8.91 14.46
N TYR A 94 -25.51 8.64 15.46
CA TYR A 94 -25.63 7.40 16.22
C TYR A 94 -27.02 7.31 16.87
N ARG A 95 -27.46 8.40 17.49
CA ARG A 95 -28.75 8.38 18.16
C ARG A 95 -29.90 8.24 17.18
N ASN A 96 -29.76 8.84 16.01
CA ASN A 96 -30.78 8.75 14.98
C ASN A 96 -30.89 7.30 14.52
N PHE A 97 -29.74 6.64 14.39
CA PHE A 97 -29.64 5.24 13.99
C PHE A 97 -30.30 4.34 15.04
N ARG A 98 -29.91 4.52 16.29
CA ARG A 98 -30.47 3.74 17.40
C ARG A 98 -32.00 3.87 17.46
N ASP A 99 -32.47 5.11 17.45
CA ASP A 99 -33.89 5.38 17.67
C ASP A 99 -34.77 5.06 16.47
N LYS A 100 -34.17 5.10 15.28
CA LYS A 100 -34.81 4.69 14.04
C LYS A 100 -35.42 3.31 14.16
N TYR A 101 -34.71 2.42 14.86
CA TYR A 101 -35.07 1.01 14.94
C TYR A 101 -35.49 0.60 16.34
N GLY A 102 -35.76 1.58 17.19
CA GLY A 102 -36.16 1.31 18.55
C GLY A 102 -35.19 0.43 19.29
N LEU A 103 -33.90 0.65 19.05
CA LEU A 103 -32.84 -0.09 19.73
C LEU A 103 -32.48 0.55 21.05
N SER A 104 -31.88 -0.23 21.95
CA SER A 104 -31.25 0.34 23.13
C SER A 104 -29.74 0.32 22.91
N ASP A 105 -29.01 1.07 23.73
CA ASP A 105 -27.58 1.19 23.53
C ASP A 105 -26.84 -0.15 23.58
N ASP A 106 -27.23 -1.01 24.51
CA ASP A 106 -26.56 -2.29 24.71
C ASP A 106 -26.67 -3.22 23.51
N GLU A 107 -27.52 -2.86 22.56
CA GLU A 107 -27.71 -3.67 21.36
C GLU A 107 -26.88 -3.18 20.18
N ILE A 108 -26.06 -2.15 20.37
CA ILE A 108 -25.33 -1.55 19.25
C ILE A 108 -23.83 -1.59 19.44
N LEU A 109 -23.14 -2.07 18.41
CA LEU A 109 -21.69 -2.02 18.29
C LEU A 109 -21.32 -0.80 17.46
N TYR A 110 -20.33 -0.03 17.91
CA TYR A 110 -19.77 1.03 17.08
C TYR A 110 -18.25 0.94 17.07
N MET A 111 -17.66 1.06 15.89
CA MET A 111 -16.21 0.99 15.75
C MET A 111 -15.66 2.30 15.24
N GLY A 112 -14.78 2.92 16.02
CA GLY A 112 -14.16 4.17 15.62
C GLY A 112 -12.66 4.09 15.79
N ASP A 113 -11.92 5.08 15.26
CA ASP A 113 -10.46 5.07 15.38
C ASP A 113 -9.85 6.35 15.96
N ASP A 114 -10.58 7.46 15.97
CA ASP A 114 -9.99 8.72 16.40
C ASP A 114 -10.90 9.52 17.34
N VAL A 115 -10.37 10.61 17.88
CA VAL A 115 -11.10 11.44 18.87
C VAL A 115 -12.59 11.74 18.56
N PRO A 116 -12.94 12.13 17.32
CA PRO A 116 -14.36 12.39 17.05
C PRO A 116 -15.29 11.19 17.22
N ASP A 117 -14.75 10.00 17.41
CA ASP A 117 -15.57 8.82 17.64
C ASP A 117 -15.84 8.57 19.12
N ILE A 118 -15.15 9.26 20.00
CA ILE A 118 -15.19 8.89 21.42
C ILE A 118 -16.57 9.05 22.05
N GLU A 119 -17.30 10.11 21.70
CA GLU A 119 -18.62 10.36 22.28
C GLU A 119 -19.57 9.20 21.98
N VAL A 120 -19.57 8.75 20.73
CA VAL A 120 -20.43 7.63 20.35
C VAL A 120 -19.98 6.38 21.08
N MET A 121 -18.67 6.18 21.17
CA MET A 121 -18.15 4.98 21.84
C MET A 121 -18.53 4.94 23.32
N ARG A 122 -18.59 6.10 23.95
CA ARG A 122 -18.97 6.15 25.35
C ARG A 122 -20.44 5.82 25.55
N GLU A 123 -21.26 6.03 24.52
CA GLU A 123 -22.68 5.78 24.67
C GLU A 123 -23.12 4.39 24.20
N CYS A 124 -22.58 3.90 23.08
CA CYS A 124 -22.99 2.59 22.57
C CYS A 124 -22.63 1.48 23.55
N GLY A 125 -23.34 0.36 23.48
CA GLY A 125 -23.06 -0.76 24.37
C GLY A 125 -21.75 -1.44 24.11
N LEU A 126 -21.35 -1.52 22.84
CA LEU A 126 -20.15 -2.26 22.47
C LEU A 126 -19.21 -1.45 21.59
N PRO A 127 -18.42 -0.58 22.22
CA PRO A 127 -17.45 0.18 21.45
C PRO A 127 -16.22 -0.66 21.10
N CYS A 128 -15.82 -0.61 19.83
CA CYS A 128 -14.69 -1.38 19.35
C CYS A 128 -13.78 -0.41 18.61
N CYS A 129 -12.54 -0.82 18.36
CA CYS A 129 -11.66 -0.01 17.53
C CYS A 129 -10.62 -0.88 16.84
N PRO A 130 -10.02 -0.35 15.76
CA PRO A 130 -8.94 -1.13 15.14
C PRO A 130 -7.68 -1.19 16.00
N LYS A 131 -6.78 -2.06 15.59
CA LYS A 131 -5.53 -2.28 16.27
C LYS A 131 -4.69 -1.03 16.31
N ASP A 132 -4.79 -0.20 15.27
CA ASP A 132 -4.00 1.04 15.22
C ASP A 132 -4.81 2.31 15.56
N ALA A 133 -5.89 2.15 16.31
CA ALA A 133 -6.64 3.31 16.78
C ALA A 133 -5.79 4.10 17.77
N VAL A 134 -6.14 5.37 17.98
CA VAL A 134 -5.37 6.21 18.88
C VAL A 134 -5.61 5.77 20.33
N PRO A 135 -4.65 6.04 21.23
CA PRO A 135 -4.78 5.53 22.60
C PRO A 135 -6.03 6.03 23.34
N GLU A 136 -6.49 7.25 23.05
CA GLU A 136 -7.70 7.74 23.71
C GLU A 136 -8.91 6.90 23.33
N VAL A 137 -8.89 6.38 22.11
CA VAL A 137 -9.97 5.57 21.60
C VAL A 137 -9.87 4.15 22.15
N LYS A 138 -8.66 3.62 22.21
CA LYS A 138 -8.43 2.33 22.84
C LYS A 138 -8.88 2.32 24.29
N SER A 139 -8.73 3.46 24.97
CA SER A 139 -9.16 3.59 26.37
C SER A 139 -10.65 3.42 26.58
N VAL A 140 -11.44 3.78 25.58
CA VAL A 140 -12.89 3.64 25.73
C VAL A 140 -13.44 2.41 25.05
N ALA A 141 -12.59 1.66 24.35
CA ALA A 141 -13.02 0.48 23.63
C ALA A 141 -13.15 -0.75 24.53
N LYS A 142 -14.21 -1.53 24.33
CA LYS A 142 -14.33 -2.81 25.05
C LYS A 142 -13.61 -3.90 24.27
N TYR A 143 -13.31 -3.64 23.00
CA TYR A 143 -12.62 -4.62 22.16
C TYR A 143 -11.74 -3.93 21.15
N ILE A 144 -10.50 -4.42 21.04
CA ILE A 144 -9.56 -3.92 20.04
C ILE A 144 -9.32 -5.02 19.03
N SER A 145 -9.60 -4.72 17.77
CA SER A 145 -9.48 -5.75 16.73
C SER A 145 -8.03 -6.11 16.57
N TYR A 146 -7.77 -7.32 16.08
CA TYR A 146 -6.42 -7.73 15.71
C TYR A 146 -5.99 -7.04 14.43
N ALA A 147 -6.92 -6.41 13.73
CA ALA A 147 -6.61 -5.82 12.44
C ALA A 147 -6.48 -4.30 12.50
N ASP A 148 -5.55 -3.75 11.72
CA ASP A 148 -5.48 -2.30 11.59
C ASP A 148 -6.67 -1.77 10.82
N GLY A 149 -6.94 -0.47 10.97
CA GLY A 149 -8.01 0.17 10.22
C GLY A 149 -7.86 -0.03 8.73
N GLY A 150 -8.97 -0.38 8.07
CA GLY A 150 -8.98 -0.62 6.64
C GLY A 150 -8.60 -2.03 6.23
N ARG A 151 -8.02 -2.78 7.15
CA ARG A 151 -7.39 -4.05 6.80
C ARG A 151 -8.11 -5.26 7.38
N GLY A 152 -9.41 -5.12 7.64
CA GLY A 152 -10.21 -6.27 8.05
C GLY A 152 -10.79 -6.22 9.46
N CYS A 153 -10.74 -5.07 10.11
CA CYS A 153 -11.31 -4.94 11.44
C CYS A 153 -12.84 -4.97 11.38
N GLY A 154 -13.41 -4.50 10.27
CA GLY A 154 -14.83 -4.60 10.06
C GLY A 154 -15.24 -6.07 9.99
N ARG A 155 -14.54 -6.83 9.15
CA ARG A 155 -14.82 -8.25 8.99
C ARG A 155 -14.76 -8.94 10.33
N ASP A 156 -13.73 -8.62 11.10
CA ASP A 156 -13.52 -9.22 12.40
C ASP A 156 -14.78 -9.17 13.25
N VAL A 157 -15.28 -7.97 13.52
CA VAL A 157 -16.44 -7.85 14.41
C VAL A 157 -17.77 -8.27 13.80
N VAL A 158 -17.97 -8.04 12.50
CA VAL A 158 -19.22 -8.47 11.86
C VAL A 158 -19.35 -9.98 11.91
N GLU A 159 -18.25 -10.66 11.59
CA GLU A 159 -18.25 -12.11 11.57
C GLU A 159 -18.53 -12.68 12.96
N GLN A 160 -17.91 -12.09 13.97
CA GLN A 160 -18.14 -12.53 15.35
C GLN A 160 -19.61 -12.40 15.75
N VAL A 161 -20.25 -11.31 15.34
CA VAL A 161 -21.65 -11.09 15.70
C VAL A 161 -22.55 -12.04 14.93
N LEU A 162 -22.30 -12.19 13.63
CA LEU A 162 -23.13 -13.10 12.84
C LEU A 162 -23.05 -14.53 13.37
N LYS A 163 -21.84 -14.96 13.75
CA LYS A 163 -21.66 -16.30 14.33
C LYS A 163 -22.42 -16.44 15.65
N ALA A 164 -22.40 -15.40 16.46
CA ALA A 164 -23.17 -15.39 17.71
C ALA A 164 -24.67 -15.61 17.47
N HIS A 165 -25.19 -15.10 16.37
CA HIS A 165 -26.61 -15.25 16.03
C HIS A 165 -26.92 -16.54 15.28
N GLY A 166 -25.89 -17.35 15.04
CA GLY A 166 -26.06 -18.51 14.19
C GLY A 166 -26.46 -18.12 12.78
N LYS A 167 -26.00 -16.95 12.35
CA LYS A 167 -26.35 -16.42 11.03
C LYS A 167 -25.12 -16.25 10.15
N TRP A 168 -24.12 -17.10 10.37
CA TRP A 168 -22.91 -17.05 9.57
C TRP A 168 -22.93 -18.12 8.48
N MET A 169 -22.94 -19.38 8.89
CA MET A 169 -23.11 -20.51 7.97
C MET A 169 -24.48 -21.15 8.18
N SER B 5 7.91 15.97 25.63
CA SER B 5 7.08 14.83 26.02
C SER B 5 7.88 13.51 26.04
N THR B 6 7.66 12.63 25.06
CA THR B 6 8.65 11.60 24.79
C THR B 6 9.68 12.21 23.84
N ILE B 7 9.33 13.36 23.28
CA ILE B 7 10.32 14.21 22.63
C ILE B 7 11.11 14.89 23.74
N ASN B 8 12.43 14.90 23.61
CA ASN B 8 13.27 15.58 24.60
C ASN B 8 13.41 17.08 24.32
N TYR B 9 12.34 17.81 24.58
CA TYR B 9 12.28 19.25 24.35
C TYR B 9 11.11 19.79 25.13
N ASP B 10 11.17 21.05 25.52
CA ASP B 10 10.01 21.69 26.15
C ASP B 10 9.05 22.09 25.05
N LEU B 11 8.05 21.25 24.83
CA LEU B 11 7.16 21.41 23.68
C LEU B 11 6.26 22.63 23.84
N SER B 12 6.10 23.09 25.06
CA SER B 12 5.30 24.28 25.31
C SER B 12 5.96 25.49 24.67
N ARG B 13 7.25 25.43 24.37
CA ARG B 13 7.95 26.50 23.65
C ARG B 13 7.62 26.54 22.16
N ILE B 14 7.18 25.41 21.61
CA ILE B 14 6.93 25.33 20.18
C ILE B 14 5.65 26.06 19.82
N LYS B 15 5.75 27.05 18.94
CA LYS B 15 4.57 27.81 18.51
C LYS B 15 4.24 27.54 17.06
N ALA B 16 5.14 26.82 16.38
CA ALA B 16 5.02 26.61 14.96
C ALA B 16 5.60 25.25 14.57
N LEU B 17 4.92 24.54 13.67
CA LEU B 17 5.42 23.26 13.19
C LEU B 17 5.42 23.28 11.68
N ALA B 18 6.59 23.03 11.09
CA ALA B 18 6.69 22.94 9.64
C ALA B 18 7.05 21.53 9.19
N PHE B 19 6.47 21.11 8.07
CA PHE B 19 6.61 19.76 7.59
C PHE B 19 6.98 19.72 6.13
N ASP B 20 8.02 18.97 5.83
CA ASP B 20 8.27 18.49 4.50
C ASP B 20 7.06 17.62 4.12
N VAL B 21 6.77 17.51 2.82
CA VAL B 21 5.65 16.66 2.42
C VAL B 21 6.11 15.23 2.12
N ASP B 22 6.91 15.05 1.06
CA ASP B 22 7.25 13.71 0.63
C ASP B 22 8.19 13.01 1.59
N GLY B 23 7.77 11.84 2.07
CA GLY B 23 8.55 11.08 3.02
C GLY B 23 8.24 11.49 4.45
N VAL B 24 7.37 12.49 4.60
CA VAL B 24 6.99 12.92 5.94
C VAL B 24 5.46 12.90 6.11
N LEU B 25 4.76 13.78 5.42
CA LEU B 25 3.30 13.76 5.47
C LEU B 25 2.72 12.84 4.39
N SER B 26 3.47 12.62 3.31
CA SER B 26 3.14 11.66 2.29
C SER B 26 4.17 10.55 2.36
N SER B 27 3.79 9.35 1.95
CA SER B 27 4.66 8.18 2.02
C SER B 27 5.84 8.31 1.07
N THR B 28 6.91 7.56 1.32
CA THR B 28 8.08 7.64 0.47
C THR B 28 7.81 6.91 -0.83
N THR B 29 7.07 5.81 -0.72
CA THR B 29 6.68 5.06 -1.90
C THR B 29 5.22 5.37 -2.22
N VAL B 30 5.00 5.89 -3.43
CA VAL B 30 3.67 6.36 -3.83
C VAL B 30 3.32 5.92 -5.23
N PRO B 31 2.01 5.81 -5.53
CA PRO B 31 1.56 5.48 -6.87
C PRO B 31 1.92 6.57 -7.87
N LEU B 32 2.11 6.17 -9.12
CA LEU B 32 2.48 7.09 -10.17
C LEU B 32 1.24 7.37 -11.02
N HIS B 33 0.89 8.64 -11.18
CA HIS B 33 -0.20 9.02 -12.07
C HIS B 33 0.23 8.76 -13.51
N PRO B 34 -0.70 8.41 -14.39
CA PRO B 34 -0.38 8.19 -15.80
C PRO B 34 0.35 9.36 -16.47
N SER B 35 0.23 10.56 -15.90
CA SER B 35 0.97 11.70 -16.42
C SER B 35 2.46 11.62 -16.09
N GLY B 36 2.84 10.68 -15.22
CA GLY B 36 4.23 10.59 -14.78
C GLY B 36 4.50 11.38 -13.51
N GLU B 37 3.43 11.90 -12.92
CA GLU B 37 3.52 12.68 -11.69
C GLU B 37 3.24 11.77 -10.50
N PRO B 38 4.10 11.80 -9.48
CA PRO B 38 3.81 10.97 -8.29
C PRO B 38 2.54 11.41 -7.56
N MET B 39 1.70 10.46 -7.19
CA MET B 39 0.49 10.72 -6.41
C MET B 39 0.71 10.59 -4.92
N ARG B 40 0.70 11.72 -4.22
CA ARG B 40 0.99 11.73 -2.79
C ARG B 40 -0.03 10.90 -1.99
N THR B 41 0.34 10.51 -0.78
CA THR B 41 -0.67 9.96 0.13
C THR B 41 -0.88 10.96 1.24
N VAL B 42 -2.01 10.87 1.92
CA VAL B 42 -2.21 11.64 3.14
C VAL B 42 -2.64 10.69 4.24
N ASN B 43 -2.44 11.10 5.49
CA ASN B 43 -2.81 10.27 6.61
C ASN B 43 -3.95 10.94 7.36
N ILE B 44 -5.05 10.21 7.59
CA ILE B 44 -6.23 10.85 8.17
C ILE B 44 -6.03 11.23 9.64
N LYS B 45 -5.18 10.50 10.34
CA LYS B 45 -4.88 10.88 11.71
C LYS B 45 -3.98 12.12 11.79
N ASP B 46 -3.02 12.23 10.85
CA ASP B 46 -2.27 13.48 10.68
C ASP B 46 -3.25 14.64 10.51
N GLY B 47 -4.25 14.42 9.66
CA GLY B 47 -5.18 15.45 9.25
C GLY B 47 -5.93 16.05 10.42
N TYR B 48 -6.52 15.19 11.24
CA TYR B 48 -7.24 15.63 12.42
C TYR B 48 -6.37 16.52 13.30
N ALA B 49 -5.14 16.10 13.55
CA ALA B 49 -4.30 16.86 14.46
C ALA B 49 -3.89 18.18 13.82
N ILE B 50 -3.62 18.15 12.51
CA ILE B 50 -3.25 19.37 11.81
C ILE B 50 -4.37 20.41 11.87
N GLN B 51 -5.60 20.00 11.56
CA GLN B 51 -6.70 20.95 11.58
C GLN B 51 -6.97 21.47 12.98
N LEU B 52 -6.77 20.62 13.99
CA LEU B 52 -6.91 21.03 15.38
C LEU B 52 -5.85 22.07 15.79
N ALA B 53 -4.60 21.78 15.43
CA ALA B 53 -3.49 22.67 15.75
C ALA B 53 -3.76 24.07 15.18
N VAL B 54 -4.23 24.11 13.95
CA VAL B 54 -4.59 25.37 13.32
C VAL B 54 -5.69 26.07 14.12
N LYS B 55 -6.67 25.30 14.57
CA LYS B 55 -7.73 25.86 15.39
C LYS B 55 -7.25 26.39 16.74
N LYS B 56 -6.24 25.75 17.31
CA LYS B 56 -5.69 26.16 18.60
C LYS B 56 -4.61 27.22 18.48
N GLY B 57 -4.38 27.70 17.27
CA GLY B 57 -3.48 28.83 17.06
C GLY B 57 -2.01 28.51 16.91
N LEU B 58 -1.68 27.26 16.61
CA LEU B 58 -0.31 26.96 16.26
C LEU B 58 -0.10 27.31 14.80
N HIS B 59 1.07 27.83 14.47
CA HIS B 59 1.38 28.09 13.09
C HIS B 59 1.81 26.80 12.43
N ILE B 60 1.19 26.46 11.30
CA ILE B 60 1.55 25.26 10.56
C ILE B 60 2.02 25.64 9.17
N ALA B 61 3.14 25.07 8.73
CA ALA B 61 3.56 25.26 7.36
C ALA B 61 3.85 23.92 6.71
N ILE B 62 3.58 23.80 5.41
CA ILE B 62 4.10 22.67 4.66
C ILE B 62 5.07 23.20 3.63
N ILE B 63 6.24 22.57 3.59
CA ILE B 63 7.32 23.01 2.72
C ILE B 63 7.62 21.88 1.76
N THR B 64 7.43 22.11 0.47
CA THR B 64 7.62 21.03 -0.49
C THR B 64 8.13 21.51 -1.82
N GLY B 65 8.97 20.69 -2.43
CA GLY B 65 9.49 20.96 -3.75
C GLY B 65 8.46 20.75 -4.83
N GLY B 66 7.44 19.97 -4.52
CA GLY B 66 6.39 19.69 -5.49
C GLY B 66 5.51 20.90 -5.72
N ARG B 67 4.67 20.80 -6.77
CA ARG B 67 3.75 21.88 -7.11
C ARG B 67 2.35 21.36 -7.38
N THR B 68 2.09 20.10 -7.03
CA THR B 68 0.80 19.51 -7.39
C THR B 68 -0.38 20.21 -6.71
N GLU B 69 -1.45 20.44 -7.47
CA GLU B 69 -2.63 21.10 -6.96
C GLU B 69 -3.31 20.27 -5.87
N ALA B 70 -3.11 18.95 -5.89
CA ALA B 70 -3.77 18.07 -4.93
C ALA B 70 -3.28 18.35 -3.50
N VAL B 71 -1.97 18.42 -3.34
CA VAL B 71 -1.39 18.68 -2.02
C VAL B 71 -1.77 20.08 -1.54
N ARG B 72 -1.81 21.01 -2.48
CA ARG B 72 -2.23 22.38 -2.22
C ARG B 72 -3.64 22.43 -1.64
N ILE B 73 -4.60 21.89 -2.37
CA ILE B 73 -5.98 21.86 -1.93
C ILE B 73 -6.17 21.12 -0.61
N ARG B 74 -5.58 19.93 -0.47
CA ARG B 74 -5.75 19.12 0.74
C ARG B 74 -5.36 19.95 1.96
N PHE B 75 -4.15 20.47 1.96
CA PHE B 75 -3.68 21.17 3.16
C PHE B 75 -4.37 22.50 3.40
N ALA B 76 -4.73 23.17 2.31
CA ALA B 76 -5.58 24.34 2.41
C ALA B 76 -6.88 23.95 3.13
N ALA B 77 -7.46 22.84 2.71
CA ALA B 77 -8.72 22.37 3.30
C ALA B 77 -8.60 22.08 4.79
N LEU B 78 -7.40 21.79 5.26
CA LEU B 78 -7.17 21.53 6.69
C LEU B 78 -6.97 22.83 7.46
N GLY B 79 -6.97 23.95 6.76
CA GLY B 79 -6.80 25.24 7.40
C GLY B 79 -5.38 25.75 7.37
N VAL B 80 -4.48 24.99 6.75
CA VAL B 80 -3.07 25.39 6.71
C VAL B 80 -2.93 26.64 5.84
N LYS B 81 -2.36 27.69 6.41
CA LYS B 81 -2.31 28.96 5.69
C LYS B 81 -0.94 29.23 5.09
N ASP B 82 0.07 28.47 5.50
CA ASP B 82 1.41 28.68 4.96
C ASP B 82 1.88 27.51 4.12
N LEU B 83 1.56 27.57 2.82
CA LEU B 83 1.87 26.48 1.90
C LEU B 83 3.05 26.82 0.98
N TYR B 84 4.24 26.40 1.36
CA TYR B 84 5.42 26.65 0.55
C TYR B 84 5.62 25.55 -0.50
N MET B 85 5.39 25.89 -1.77
CA MET B 85 5.47 24.91 -2.85
C MET B 85 6.28 25.42 -4.02
N GLY B 86 6.82 24.50 -4.82
CA GLY B 86 7.62 24.86 -5.97
C GLY B 86 9.03 25.20 -5.54
N SER B 87 9.19 25.20 -4.23
CA SER B 87 10.43 25.53 -3.57
C SER B 87 11.50 24.51 -3.83
N ALA B 88 12.75 24.93 -3.87
CA ALA B 88 13.86 23.99 -3.94
C ALA B 88 14.78 24.27 -2.77
N VAL B 89 14.87 25.56 -2.43
CA VAL B 89 15.70 26.03 -1.34
C VAL B 89 14.88 26.10 -0.04
N LYS B 90 14.84 24.99 0.67
CA LYS B 90 14.00 24.86 1.84
C LYS B 90 14.33 25.89 2.93
N ILE B 91 15.62 26.19 3.10
CA ILE B 91 16.02 27.10 4.16
C ILE B 91 15.33 28.46 4.02
N HIS B 92 15.08 28.87 2.79
CA HIS B 92 14.41 30.15 2.55
C HIS B 92 12.94 30.11 2.98
N ASP B 93 12.25 29.02 2.66
CA ASP B 93 10.87 28.87 3.10
C ASP B 93 10.80 28.87 4.62
N TYR B 94 11.72 28.16 5.24
CA TYR B 94 11.74 28.09 6.70
C TYR B 94 11.94 29.48 7.30
N ARG B 95 12.95 30.19 6.81
CA ARG B 95 13.28 31.50 7.36
C ARG B 95 12.16 32.50 7.16
N ASN B 96 11.53 32.43 5.99
CA ASN B 96 10.40 33.29 5.70
C ASN B 96 9.23 33.00 6.62
N PHE B 97 8.96 31.71 6.83
CA PHE B 97 7.90 31.26 7.74
C PHE B 97 8.16 31.74 9.15
N ARG B 98 9.39 31.57 9.61
CA ARG B 98 9.80 32.00 10.94
C ARG B 98 9.62 33.50 11.10
N ASP B 99 10.06 34.25 10.11
CA ASP B 99 10.06 35.71 10.19
C ASP B 99 8.71 36.33 9.98
N LYS B 100 7.87 35.68 9.17
CA LYS B 100 6.49 36.12 8.96
C LYS B 100 5.78 36.33 10.30
N TYR B 101 6.10 35.49 11.28
CA TYR B 101 5.39 35.48 12.54
C TYR B 101 6.25 35.97 13.68
N GLY B 102 7.45 36.45 13.37
CA GLY B 102 8.32 36.99 14.38
C GLY B 102 8.72 35.93 15.39
N LEU B 103 8.94 34.71 14.91
CA LEU B 103 9.31 33.62 15.78
C LEU B 103 10.82 33.59 15.92
N SER B 104 11.32 32.99 17.00
CA SER B 104 12.72 32.62 17.06
C SER B 104 12.82 31.12 16.74
N ASP B 105 14.02 30.68 16.36
CA ASP B 105 14.24 29.29 15.96
C ASP B 105 13.76 28.27 16.99
N ASP B 106 13.99 28.57 18.26
CA ASP B 106 13.67 27.65 19.34
C ASP B 106 12.17 27.40 19.49
N GLU B 107 11.36 28.19 18.80
CA GLU B 107 9.91 28.08 18.88
C GLU B 107 9.35 27.28 17.70
N ILE B 108 10.23 26.76 16.86
CA ILE B 108 9.79 26.07 15.65
C ILE B 108 10.26 24.61 15.57
N LEU B 109 9.32 23.71 15.30
CA LEU B 109 9.64 22.32 14.99
C LEU B 109 9.64 22.15 13.47
N TYR B 110 10.61 21.41 12.95
CA TYR B 110 10.62 21.03 11.53
C TYR B 110 10.87 19.54 11.39
N MET B 111 10.07 18.87 10.56
CA MET B 111 10.22 17.44 10.32
C MET B 111 10.56 17.19 8.86
N GLY B 112 11.69 16.52 8.61
CA GLY B 112 12.10 16.19 7.26
C GLY B 112 12.59 14.75 7.20
N ASP B 113 12.87 14.22 6.01
CA ASP B 113 13.25 12.82 5.91
C ASP B 113 14.51 12.57 5.11
N ASP B 114 14.95 13.56 4.33
CA ASP B 114 16.05 13.32 3.41
C ASP B 114 17.06 14.46 3.45
N VAL B 115 18.16 14.24 2.74
CA VAL B 115 19.30 15.15 2.73
C VAL B 115 18.95 16.65 2.52
N PRO B 116 18.05 16.98 1.57
CA PRO B 116 17.72 18.40 1.39
C PRO B 116 17.06 19.08 2.58
N ASP B 117 16.70 18.30 3.61
CA ASP B 117 16.05 18.83 4.80
C ASP B 117 17.04 19.24 5.85
N ILE B 118 18.29 18.82 5.68
CA ILE B 118 19.32 18.96 6.72
C ILE B 118 19.62 20.41 7.10
N GLU B 119 19.73 21.29 6.11
CA GLU B 119 20.05 22.69 6.38
C GLU B 119 19.00 23.33 7.29
N VAL B 120 17.73 23.10 6.97
CA VAL B 120 16.65 23.54 7.86
C VAL B 120 16.75 22.94 9.26
N MET B 121 16.92 21.63 9.33
CA MET B 121 16.97 20.95 10.62
C MET B 121 18.10 21.44 11.52
N ARG B 122 19.20 21.83 10.91
CA ARG B 122 20.31 22.41 11.69
C ARG B 122 19.96 23.80 12.22
N GLU B 123 19.02 24.49 11.58
CA GLU B 123 18.67 25.83 12.03
C GLU B 123 17.48 25.89 12.99
N CYS B 124 16.48 25.04 12.77
CA CYS B 124 15.28 25.06 13.61
C CYS B 124 15.55 24.58 15.02
N GLY B 125 14.65 24.93 15.94
CA GLY B 125 14.82 24.60 17.34
C GLY B 125 14.62 23.12 17.64
N LEU B 126 13.62 22.53 16.99
CA LEU B 126 13.29 21.12 17.24
C LEU B 126 13.17 20.34 15.94
N PRO B 127 14.31 19.84 15.46
CA PRO B 127 14.34 19.03 14.25
C PRO B 127 13.88 17.63 14.53
N CYS B 128 12.89 17.16 13.77
CA CYS B 128 12.38 15.82 13.94
C CYS B 128 12.42 15.09 12.61
N CYS B 129 12.26 13.77 12.65
CA CYS B 129 12.19 13.01 11.41
C CYS B 129 11.36 11.75 11.61
N PRO B 130 10.90 11.16 10.50
CA PRO B 130 10.17 9.91 10.63
C PRO B 130 11.11 8.74 10.93
N LYS B 131 10.52 7.60 11.23
CA LYS B 131 11.26 6.42 11.63
C LYS B 131 12.13 5.93 10.48
N ASP B 132 11.69 6.14 9.26
CA ASP B 132 12.45 5.67 8.11
C ASP B 132 13.17 6.78 7.39
N ALA B 133 13.50 7.85 8.11
CA ALA B 133 14.33 8.91 7.56
C ALA B 133 15.72 8.35 7.25
N VAL B 134 16.43 8.94 6.30
CA VAL B 134 17.76 8.46 5.99
C VAL B 134 18.69 8.71 7.19
N PRO B 135 19.77 7.92 7.30
CA PRO B 135 20.65 8.02 8.46
C PRO B 135 21.31 9.39 8.68
N GLU B 136 21.59 10.16 7.63
CA GLU B 136 22.13 11.50 7.82
C GLU B 136 21.12 12.44 8.49
N VAL B 137 19.83 12.21 8.22
CA VAL B 137 18.78 13.05 8.78
C VAL B 137 18.57 12.67 10.24
N LYS B 138 18.63 11.38 10.52
CA LYS B 138 18.47 10.90 11.88
C LYS B 138 19.54 11.45 12.82
N SER B 139 20.74 11.64 12.30
CA SER B 139 21.83 12.11 13.15
C SER B 139 21.72 13.60 13.52
N VAL B 140 20.91 14.35 12.77
CA VAL B 140 20.69 15.75 13.14
C VAL B 140 19.34 15.98 13.82
N ALA B 141 18.51 14.93 13.88
CA ALA B 141 17.20 15.05 14.52
C ALA B 141 17.30 14.93 16.05
N LYS B 142 16.56 15.78 16.74
CA LYS B 142 16.44 15.67 18.20
C LYS B 142 15.47 14.54 18.55
N TYR B 143 14.53 14.28 17.65
CA TYR B 143 13.49 13.28 17.90
C TYR B 143 13.21 12.49 16.63
N ILE B 144 13.17 11.18 16.77
CA ILE B 144 12.83 10.31 15.65
C ILE B 144 11.48 9.70 15.97
N SER B 145 10.49 9.94 15.12
CA SER B 145 9.14 9.41 15.37
C SER B 145 9.11 7.88 15.32
N TYR B 146 8.14 7.30 16.00
CA TYR B 146 7.91 5.86 15.93
C TYR B 146 7.25 5.48 14.61
N ALA B 147 6.70 6.47 13.92
CA ALA B 147 5.95 6.23 12.68
C ALA B 147 6.79 6.51 11.44
N ASP B 148 6.65 5.66 10.44
CA ASP B 148 7.28 5.87 9.13
C ASP B 148 6.69 7.09 8.43
N GLY B 149 7.42 7.63 7.46
CA GLY B 149 6.95 8.77 6.70
C GLY B 149 5.61 8.51 6.03
N GLY B 150 4.68 9.44 6.24
CA GLY B 150 3.34 9.36 5.66
C GLY B 150 2.39 8.54 6.50
N ARG B 151 2.91 7.89 7.53
CA ARG B 151 2.10 6.92 8.27
C ARG B 151 1.82 7.31 9.71
N GLY B 152 1.85 8.62 9.98
CA GLY B 152 1.37 9.15 11.25
C GLY B 152 2.44 9.84 12.07
N CYS B 153 3.58 10.13 11.44
CA CYS B 153 4.65 10.79 12.14
C CYS B 153 4.29 12.24 12.34
N GLY B 154 3.45 12.78 11.46
CA GLY B 154 2.93 14.11 11.66
C GLY B 154 2.03 14.16 12.88
N ARG B 155 1.08 13.23 12.94
CA ARG B 155 0.14 13.14 14.06
C ARG B 155 0.92 13.05 15.36
N ASP B 156 2.00 12.27 15.32
CA ASP B 156 2.85 12.06 16.48
C ASP B 156 3.29 13.39 17.10
N VAL B 157 4.00 14.21 16.34
CA VAL B 157 4.54 15.43 16.93
C VAL B 157 3.50 16.52 17.18
N VAL B 158 2.50 16.63 16.31
CA VAL B 158 1.48 17.65 16.47
C VAL B 158 0.74 17.36 17.77
N GLU B 159 0.40 16.11 17.98
CA GLU B 159 -0.33 15.72 19.17
C GLU B 159 0.51 15.97 20.43
N GLN B 160 1.80 15.63 20.40
CA GLN B 160 2.66 15.85 21.55
C GLN B 160 2.77 17.35 21.90
N VAL B 161 2.91 18.18 20.88
CA VAL B 161 2.94 19.62 21.10
C VAL B 161 1.60 20.14 21.65
N LEU B 162 0.49 19.75 21.04
CA LEU B 162 -0.80 20.20 21.57
C LEU B 162 -1.01 19.78 23.03
N LYS B 163 -0.57 18.57 23.37
CA LYS B 163 -0.72 18.09 24.74
C LYS B 163 0.07 18.97 25.69
N ALA B 164 1.29 19.33 25.30
CA ALA B 164 2.17 20.12 26.14
C ALA B 164 1.66 21.55 26.29
N HIS B 165 0.80 21.99 25.38
CA HIS B 165 0.16 23.29 25.48
C HIS B 165 -1.15 23.24 26.26
N GLY B 166 -1.57 22.02 26.62
CA GLY B 166 -2.88 21.82 27.22
C GLY B 166 -3.98 22.16 26.24
N LYS B 167 -3.70 21.98 24.95
CA LYS B 167 -4.67 22.34 23.92
C LYS B 167 -5.13 21.13 23.11
N TRP B 168 -5.08 19.95 23.72
CA TRP B 168 -5.45 18.73 23.00
C TRP B 168 -6.87 18.27 23.33
N SER C 5 8.06 -24.11 1.93
CA SER C 5 7.34 -25.33 2.23
C SER C 5 6.70 -25.91 0.98
N THR C 6 7.01 -27.16 0.67
CA THR C 6 6.42 -27.80 -0.49
C THR C 6 4.96 -28.14 -0.18
N ILE C 7 4.14 -28.13 -1.21
CA ILE C 7 2.74 -28.50 -1.07
C ILE C 7 2.69 -30.00 -0.85
N ASN C 8 1.90 -30.43 0.13
CA ASN C 8 1.76 -31.86 0.39
C ASN C 8 0.78 -32.50 -0.59
N TYR C 9 1.22 -32.66 -1.83
CA TYR C 9 0.38 -33.19 -2.88
C TYR C 9 1.32 -33.56 -4.01
N ASP C 10 0.91 -34.49 -4.84
CA ASP C 10 1.76 -34.87 -5.97
C ASP C 10 1.50 -33.87 -7.08
N LEU C 11 2.34 -32.83 -7.12
CA LEU C 11 2.09 -31.71 -8.02
C LEU C 11 2.20 -32.10 -9.48
N SER C 12 2.85 -33.22 -9.76
CA SER C 12 2.94 -33.69 -11.14
C SER C 12 1.57 -34.08 -11.68
N ARG C 13 0.62 -34.34 -10.80
CA ARG C 13 -0.74 -34.65 -11.24
C ARG C 13 -1.56 -33.43 -11.64
N ILE C 14 -1.10 -32.24 -11.24
CA ILE C 14 -1.84 -31.00 -11.50
C ILE C 14 -1.68 -30.53 -12.95
N LYS C 15 -2.79 -30.37 -13.66
CA LYS C 15 -2.75 -29.98 -15.06
C LYS C 15 -3.37 -28.60 -15.26
N ALA C 16 -3.99 -28.10 -14.21
CA ALA C 16 -4.75 -26.87 -14.31
C ALA C 16 -4.78 -26.18 -12.96
N LEU C 17 -4.70 -24.85 -12.99
CA LEU C 17 -4.70 -24.05 -11.78
C LEU C 17 -5.73 -22.95 -12.00
N ALA C 18 -6.66 -22.82 -11.06
CA ALA C 18 -7.71 -21.81 -11.10
C ALA C 18 -7.59 -20.89 -9.90
N PHE C 19 -7.83 -19.59 -10.11
CA PHE C 19 -7.66 -18.62 -9.03
C PHE C 19 -8.86 -17.69 -8.88
N ASP C 20 -9.28 -17.49 -7.64
CA ASP C 20 -10.07 -16.32 -7.30
C ASP C 20 -9.19 -15.10 -7.56
N VAL C 21 -9.81 -13.95 -7.84
CA VAL C 21 -9.07 -12.71 -8.02
C VAL C 21 -8.95 -11.94 -6.70
N ASP C 22 -10.05 -11.39 -6.21
CA ASP C 22 -9.97 -10.53 -5.03
C ASP C 22 -9.58 -11.30 -3.78
N GLY C 23 -8.51 -10.87 -3.14
CA GLY C 23 -7.98 -11.58 -1.97
C GLY C 23 -6.99 -12.68 -2.29
N VAL C 24 -6.79 -12.97 -3.57
CA VAL C 24 -5.86 -14.03 -3.99
C VAL C 24 -4.82 -13.46 -4.96
N LEU C 25 -5.26 -13.10 -6.15
CA LEU C 25 -4.33 -12.50 -7.11
C LEU C 25 -4.32 -10.98 -6.94
N SER C 26 -5.34 -10.45 -6.29
CA SER C 26 -5.42 -9.03 -5.97
C SER C 26 -5.53 -8.90 -4.46
N SER C 27 -5.01 -7.82 -3.89
CA SER C 27 -4.93 -7.65 -2.43
C SER C 27 -6.34 -7.58 -1.84
N THR C 28 -6.46 -7.88 -0.56
CA THR C 28 -7.77 -7.80 0.08
C THR C 28 -8.18 -6.34 0.34
N THR C 29 -7.20 -5.49 0.63
CA THR C 29 -7.43 -4.06 0.81
C THR C 29 -6.94 -3.33 -0.42
N VAL C 30 -7.84 -2.58 -1.07
CA VAL C 30 -7.53 -1.96 -2.36
C VAL C 30 -8.02 -0.52 -2.38
N PRO C 31 -7.44 0.31 -3.27
CA PRO C 31 -8.00 1.66 -3.41
C PRO C 31 -9.42 1.61 -3.96
N LEU C 32 -10.27 2.52 -3.50
CA LEU C 32 -11.62 2.64 -4.01
C LEU C 32 -11.65 3.69 -5.09
N HIS C 33 -11.99 3.27 -6.30
CA HIS C 33 -12.08 4.19 -7.42
C HIS C 33 -13.21 5.18 -7.14
N PRO C 34 -13.07 6.42 -7.61
CA PRO C 34 -14.12 7.44 -7.41
C PRO C 34 -15.49 7.01 -7.93
N SER C 35 -15.53 6.03 -8.83
CA SER C 35 -16.78 5.46 -9.31
C SER C 35 -17.50 4.63 -8.23
N GLY C 36 -16.76 4.16 -7.24
CA GLY C 36 -17.35 3.36 -6.19
C GLY C 36 -17.08 1.87 -6.39
N GLU C 37 -16.34 1.55 -7.43
CA GLU C 37 -15.86 0.19 -7.64
C GLU C 37 -14.43 0.06 -7.12
N PRO C 38 -14.12 -1.03 -6.40
CA PRO C 38 -12.76 -1.27 -5.92
C PRO C 38 -11.76 -1.42 -7.06
N MET C 39 -10.54 -0.93 -6.84
CA MET C 39 -9.44 -1.04 -7.82
C MET C 39 -8.47 -2.18 -7.51
N ARG C 40 -8.51 -3.24 -8.31
CA ARG C 40 -7.73 -4.42 -7.98
C ARG C 40 -6.24 -4.13 -8.08
N THR C 41 -5.43 -4.92 -7.37
CA THR C 41 -3.98 -4.83 -7.56
C THR C 41 -3.52 -6.05 -8.36
N VAL C 42 -2.32 -5.97 -8.92
CA VAL C 42 -1.73 -7.12 -9.55
C VAL C 42 -0.33 -7.27 -8.98
N ASN C 43 0.18 -8.50 -9.03
CA ASN C 43 1.54 -8.77 -8.58
C ASN C 43 2.36 -9.21 -9.79
N ILE C 44 3.48 -8.53 -10.05
CA ILE C 44 4.25 -8.76 -11.26
C ILE C 44 5.00 -10.11 -11.23
N LYS C 45 5.35 -10.57 -10.04
CA LYS C 45 5.94 -11.90 -9.91
C LYS C 45 4.90 -13.01 -10.18
N ASP C 46 3.67 -12.82 -9.69
CA ASP C 46 2.54 -13.67 -10.09
C ASP C 46 2.47 -13.72 -11.61
N GLY C 47 2.49 -12.53 -12.20
CA GLY C 47 2.27 -12.39 -13.62
C GLY C 47 3.29 -13.16 -14.44
N TYR C 48 4.56 -13.05 -14.07
CA TYR C 48 5.59 -13.78 -14.80
C TYR C 48 5.33 -15.29 -14.76
N ALA C 49 5.01 -15.83 -13.60
CA ALA C 49 4.79 -17.26 -13.48
C ALA C 49 3.56 -17.69 -14.24
N ILE C 50 2.50 -16.90 -14.15
CA ILE C 50 1.25 -17.19 -14.85
C ILE C 50 1.45 -17.24 -16.36
N GLN C 51 2.11 -16.22 -16.90
CA GLN C 51 2.31 -16.19 -18.35
C GLN C 51 3.21 -17.35 -18.81
N LEU C 52 4.18 -17.71 -17.99
CA LEU C 52 5.04 -18.86 -18.29
C LEU C 52 4.25 -20.17 -18.24
N ALA C 53 3.36 -20.26 -17.25
CA ALA C 53 2.51 -21.44 -17.07
C ALA C 53 1.67 -21.70 -18.30
N VAL C 54 1.08 -20.64 -18.86
CA VAL C 54 0.27 -20.74 -20.06
C VAL C 54 1.14 -21.25 -21.21
N LYS C 55 2.31 -20.64 -21.36
CA LYS C 55 3.25 -21.06 -22.41
C LYS C 55 3.65 -22.53 -22.28
N LYS C 56 3.77 -23.01 -21.04
CA LYS C 56 4.22 -24.39 -20.82
C LYS C 56 3.08 -25.41 -20.88
N GLY C 57 1.86 -24.94 -21.17
CA GLY C 57 0.73 -25.84 -21.36
C GLY C 57 -0.11 -26.16 -20.14
N LEU C 58 0.16 -25.51 -19.01
CA LEU C 58 -0.72 -25.60 -17.87
C LEU C 58 -1.98 -24.81 -18.17
N HIS C 59 -3.15 -25.31 -17.77
CA HIS C 59 -4.37 -24.56 -17.98
C HIS C 59 -4.54 -23.60 -16.81
N ILE C 60 -4.81 -22.34 -17.12
CA ILE C 60 -4.97 -21.33 -16.08
C ILE C 60 -6.32 -20.67 -16.21
N ALA C 61 -7.05 -20.57 -15.10
CA ALA C 61 -8.32 -19.86 -15.08
C ALA C 61 -8.33 -18.86 -13.93
N ILE C 62 -9.01 -17.72 -14.15
CA ILE C 62 -9.43 -16.87 -13.05
C ILE C 62 -10.95 -16.96 -12.92
N ILE C 63 -11.43 -17.02 -11.69
CA ILE C 63 -12.87 -17.07 -11.43
C ILE C 63 -13.22 -16.00 -10.42
N THR C 64 -13.94 -14.98 -10.86
CA THR C 64 -14.23 -13.86 -10.00
C THR C 64 -15.65 -13.32 -10.16
N GLY C 65 -16.23 -12.86 -9.05
CA GLY C 65 -17.51 -12.19 -9.09
C GLY C 65 -17.37 -10.84 -9.79
N GLY C 66 -16.15 -10.29 -9.77
CA GLY C 66 -15.89 -8.98 -10.35
C GLY C 66 -16.14 -8.92 -11.84
N ARG C 67 -16.35 -7.70 -12.34
CA ARG C 67 -16.76 -7.50 -13.73
C ARG C 67 -15.89 -6.45 -14.40
N THR C 68 -14.79 -6.06 -13.75
CA THR C 68 -14.05 -4.92 -14.25
C THR C 68 -13.20 -5.26 -15.49
N GLU C 69 -13.24 -4.37 -16.48
CA GLU C 69 -12.48 -4.56 -17.69
C GLU C 69 -10.97 -4.60 -17.39
N ALA C 70 -10.55 -3.90 -16.35
CA ALA C 70 -9.13 -3.89 -15.97
C ALA C 70 -8.60 -5.29 -15.69
N VAL C 71 -9.32 -6.05 -14.86
CA VAL C 71 -8.90 -7.41 -14.54
C VAL C 71 -8.92 -8.34 -15.76
N ARG C 72 -9.97 -8.24 -16.56
CA ARG C 72 -10.08 -9.07 -17.76
C ARG C 72 -8.88 -8.80 -18.69
N ILE C 73 -8.67 -7.53 -18.99
CA ILE C 73 -7.55 -7.11 -19.84
C ILE C 73 -6.22 -7.63 -19.32
N ARG C 74 -5.95 -7.41 -18.04
CA ARG C 74 -4.65 -7.73 -17.47
C ARG C 74 -4.39 -9.23 -17.59
N PHE C 75 -5.39 -10.05 -17.30
CA PHE C 75 -5.19 -11.49 -17.39
C PHE C 75 -5.19 -12.02 -18.84
N ALA C 76 -5.98 -11.41 -19.70
CA ALA C 76 -5.90 -11.79 -21.11
C ALA C 76 -4.54 -11.40 -21.70
N ALA C 77 -3.94 -10.32 -21.21
CA ALA C 77 -2.62 -9.92 -21.65
C ALA C 77 -1.54 -10.91 -21.19
N LEU C 78 -1.86 -11.74 -20.21
CA LEU C 78 -0.91 -12.76 -19.74
C LEU C 78 -1.12 -14.09 -20.48
N GLY C 79 -2.10 -14.12 -21.37
CA GLY C 79 -2.39 -15.32 -22.13
C GLY C 79 -3.39 -16.23 -21.46
N VAL C 80 -4.01 -15.76 -20.38
CA VAL C 80 -5.09 -16.54 -19.78
C VAL C 80 -6.32 -16.46 -20.69
N LYS C 81 -6.78 -17.62 -21.15
CA LYS C 81 -7.94 -17.66 -22.04
C LYS C 81 -9.21 -18.01 -21.28
N ASP C 82 -9.07 -18.60 -20.11
CA ASP C 82 -10.24 -18.97 -19.32
C ASP C 82 -10.51 -17.94 -18.21
N LEU C 83 -11.22 -16.89 -18.59
CA LEU C 83 -11.55 -15.78 -17.70
C LEU C 83 -13.04 -15.81 -17.35
N TYR C 84 -13.35 -16.25 -16.14
CA TYR C 84 -14.73 -16.35 -15.72
C TYR C 84 -15.11 -15.15 -14.86
N MET C 85 -15.49 -14.05 -15.51
CA MET C 85 -15.87 -12.83 -14.82
C MET C 85 -17.35 -12.90 -14.49
N GLY C 86 -17.79 -12.02 -13.58
CA GLY C 86 -19.19 -11.95 -13.18
C GLY C 86 -19.75 -13.26 -12.69
N SER C 87 -18.89 -14.05 -12.05
CA SER C 87 -19.25 -15.38 -11.57
C SER C 87 -20.24 -15.24 -10.42
N ALA C 88 -21.37 -15.91 -10.51
CA ALA C 88 -22.38 -15.84 -9.44
C ALA C 88 -22.19 -16.97 -8.46
N VAL C 89 -22.04 -18.18 -8.98
CA VAL C 89 -21.83 -19.36 -8.14
C VAL C 89 -20.62 -20.06 -8.73
N LYS C 90 -19.49 -19.94 -8.04
CA LYS C 90 -18.21 -20.33 -8.61
C LYS C 90 -18.07 -21.79 -9.03
N ILE C 91 -18.80 -22.69 -8.36
CA ILE C 91 -18.65 -24.12 -8.62
C ILE C 91 -18.92 -24.46 -10.10
N HIS C 92 -19.85 -23.73 -10.71
CA HIS C 92 -20.20 -23.98 -12.11
C HIS C 92 -19.11 -23.60 -13.09
N ASP C 93 -18.48 -22.46 -12.84
CA ASP C 93 -17.35 -22.04 -13.64
C ASP C 93 -16.20 -23.03 -13.44
N TYR C 94 -15.99 -23.50 -12.20
CA TYR C 94 -15.00 -24.55 -11.96
C TYR C 94 -15.26 -25.81 -12.80
N ARG C 95 -16.50 -26.30 -12.77
CA ARG C 95 -16.88 -27.48 -13.56
C ARG C 95 -16.65 -27.23 -15.04
N ASN C 96 -17.05 -26.05 -15.49
CA ASN C 96 -16.89 -25.65 -16.88
C ASN C 96 -15.43 -25.77 -17.33
N PHE C 97 -14.54 -25.24 -16.50
CA PHE C 97 -13.11 -25.25 -16.73
C PHE C 97 -12.56 -26.67 -16.74
N ARG C 98 -12.93 -27.44 -15.73
CA ARG C 98 -12.52 -28.83 -15.60
C ARG C 98 -12.94 -29.61 -16.83
N ASP C 99 -14.22 -29.51 -17.18
CA ASP C 99 -14.78 -30.36 -18.22
C ASP C 99 -14.35 -29.95 -19.61
N LYS C 100 -14.08 -28.66 -19.79
CA LYS C 100 -13.60 -28.13 -21.05
C LYS C 100 -12.33 -28.85 -21.50
N TYR C 101 -11.51 -29.25 -20.55
CA TYR C 101 -10.23 -29.87 -20.90
C TYR C 101 -10.16 -31.35 -20.55
N GLY C 102 -11.30 -31.92 -20.17
CA GLY C 102 -11.38 -33.34 -19.91
C GLY C 102 -10.60 -33.75 -18.68
N LEU C 103 -10.53 -32.84 -17.71
CA LEU C 103 -9.81 -33.05 -16.46
C LEU C 103 -10.65 -33.80 -15.43
N SER C 104 -9.99 -34.49 -14.51
CA SER C 104 -10.66 -34.96 -13.31
C SER C 104 -10.32 -34.00 -12.18
N ASP C 105 -11.09 -34.01 -11.10
CA ASP C 105 -10.88 -33.05 -10.03
C ASP C 105 -9.47 -33.09 -9.44
N ASP C 106 -8.88 -34.29 -9.36
CA ASP C 106 -7.58 -34.44 -8.71
C ASP C 106 -6.45 -33.76 -9.49
N GLU C 107 -6.77 -33.31 -10.70
CA GLU C 107 -5.77 -32.68 -11.56
C GLU C 107 -5.84 -31.16 -11.49
N ILE C 108 -6.70 -30.63 -10.62
CA ILE C 108 -6.91 -29.19 -10.57
C ILE C 108 -6.61 -28.58 -9.22
N LEU C 109 -5.81 -27.53 -9.24
CA LEU C 109 -5.58 -26.68 -8.08
C LEU C 109 -6.54 -25.50 -8.14
N TYR C 110 -7.15 -25.18 -7.01
CA TYR C 110 -7.90 -23.93 -6.89
C TYR C 110 -7.47 -23.16 -5.65
N MET C 111 -7.23 -21.86 -5.84
CA MET C 111 -6.85 -21.01 -4.73
C MET C 111 -7.92 -19.95 -4.46
N GLY C 112 -8.44 -19.96 -3.25
CA GLY C 112 -9.45 -19.00 -2.82
C GLY C 112 -9.10 -18.39 -1.49
N ASP C 113 -9.84 -17.36 -1.05
CA ASP C 113 -9.53 -16.70 0.22
C ASP C 113 -10.69 -16.58 1.18
N ASP C 114 -11.92 -16.75 0.69
CA ASP C 114 -13.08 -16.43 1.53
C ASP C 114 -14.18 -17.45 1.33
N VAL C 115 -15.21 -17.33 2.16
CA VAL C 115 -16.31 -18.28 2.18
C VAL C 115 -16.91 -18.69 0.83
N PRO C 116 -17.12 -17.73 -0.09
CA PRO C 116 -17.68 -18.14 -1.40
C PRO C 116 -16.79 -19.09 -2.20
N ASP C 117 -15.56 -19.30 -1.75
CA ASP C 117 -14.63 -20.19 -2.43
C ASP C 117 -14.69 -21.61 -1.92
N ILE C 118 -15.34 -21.82 -0.77
CA ILE C 118 -15.29 -23.10 -0.08
C ILE C 118 -15.83 -24.26 -0.91
N GLU C 119 -16.93 -24.04 -1.62
CA GLU C 119 -17.55 -25.12 -2.40
C GLU C 119 -16.58 -25.64 -3.48
N VAL C 120 -15.94 -24.73 -4.22
CA VAL C 120 -14.95 -25.14 -5.21
C VAL C 120 -13.78 -25.84 -4.54
N MET C 121 -13.35 -25.33 -3.40
CA MET C 121 -12.19 -25.92 -2.71
C MET C 121 -12.47 -27.33 -2.21
N ARG C 122 -13.72 -27.61 -1.84
CA ARG C 122 -14.10 -28.95 -1.41
C ARG C 122 -14.13 -29.93 -2.59
N GLU C 123 -14.32 -29.40 -3.79
CA GLU C 123 -14.45 -30.23 -4.98
C GLU C 123 -13.13 -30.45 -5.72
N CYS C 124 -12.28 -29.44 -5.74
CA CYS C 124 -11.02 -29.54 -6.48
C CYS C 124 -10.07 -30.50 -5.79
N GLY C 125 -9.06 -30.98 -6.53
CA GLY C 125 -8.09 -31.89 -5.96
C GLY C 125 -7.16 -31.22 -4.97
N LEU C 126 -6.77 -30.00 -5.28
CA LEU C 126 -5.76 -29.28 -4.52
C LEU C 126 -6.23 -27.88 -4.14
N PRO C 127 -6.97 -27.78 -3.03
CA PRO C 127 -7.37 -26.45 -2.56
C PRO C 127 -6.22 -25.77 -1.84
N CYS C 128 -5.91 -24.53 -2.23
CA CYS C 128 -5.09 -23.67 -1.38
C CYS C 128 -5.65 -22.31 -1.18
N CYS C 129 -4.88 -21.52 -0.44
CA CYS C 129 -5.32 -20.21 -0.04
C CYS C 129 -4.10 -19.41 0.40
N PRO C 130 -4.23 -18.08 0.41
CA PRO C 130 -3.12 -17.25 0.88
C PRO C 130 -2.96 -17.33 2.40
N LYS C 131 -1.83 -16.83 2.89
CA LYS C 131 -1.56 -16.77 4.33
C LYS C 131 -2.65 -16.07 5.13
N ASP C 132 -3.31 -15.09 4.52
CA ASP C 132 -4.32 -14.33 5.23
C ASP C 132 -5.75 -14.69 4.82
N ALA C 133 -5.94 -15.91 4.34
CA ALA C 133 -7.31 -16.37 4.04
C ALA C 133 -8.09 -16.50 5.35
N VAL C 134 -9.41 -16.59 5.24
CA VAL C 134 -10.26 -16.70 6.44
C VAL C 134 -10.18 -18.12 7.03
N PRO C 135 -10.50 -18.28 8.32
CA PRO C 135 -10.36 -19.59 8.99
C PRO C 135 -11.02 -20.76 8.28
N GLU C 136 -12.25 -20.60 7.80
CA GLU C 136 -12.97 -21.70 7.17
C GLU C 136 -12.27 -22.14 5.90
N VAL C 137 -11.58 -21.21 5.25
CA VAL C 137 -10.88 -21.49 4.01
C VAL C 137 -9.53 -22.17 4.28
N LYS C 138 -8.81 -21.67 5.28
CA LYS C 138 -7.60 -22.35 5.74
C LYS C 138 -7.92 -23.77 6.19
N SER C 139 -9.08 -23.93 6.83
CA SER C 139 -9.52 -25.22 7.34
C SER C 139 -9.59 -26.26 6.23
N VAL C 140 -10.12 -25.86 5.07
CA VAL C 140 -10.31 -26.80 3.97
C VAL C 140 -9.10 -26.92 3.03
N ALA C 141 -8.20 -25.94 3.10
CA ALA C 141 -7.02 -25.91 2.25
C ALA C 141 -6.05 -27.05 2.55
N LYS C 142 -5.47 -27.64 1.52
CA LYS C 142 -4.38 -28.59 1.68
C LYS C 142 -3.07 -27.86 1.91
N TYR C 143 -3.00 -26.64 1.38
CA TYR C 143 -1.78 -25.86 1.44
C TYR C 143 -2.10 -24.39 1.65
N ILE C 144 -1.46 -23.78 2.64
CA ILE C 144 -1.57 -22.34 2.86
C ILE C 144 -0.25 -21.68 2.43
N SER C 145 -0.34 -20.75 1.48
CA SER C 145 0.84 -20.03 0.98
C SER C 145 1.54 -19.25 2.07
N TYR C 146 2.85 -19.01 1.89
CA TYR C 146 3.61 -18.15 2.79
C TYR C 146 3.31 -16.69 2.53
N ALA C 147 2.60 -16.42 1.42
CA ALA C 147 2.31 -15.05 1.00
C ALA C 147 0.84 -14.67 1.19
N ASP C 148 0.59 -13.41 1.56
CA ASP C 148 -0.76 -12.88 1.70
C ASP C 148 -1.40 -12.71 0.34
N GLY C 149 -2.72 -12.59 0.34
CA GLY C 149 -3.45 -12.42 -0.90
C GLY C 149 -2.96 -11.21 -1.66
N GLY C 150 -2.65 -11.42 -2.93
CA GLY C 150 -2.24 -10.32 -3.79
C GLY C 150 -0.74 -10.08 -3.77
N ARG C 151 -0.05 -10.70 -2.82
CA ARG C 151 1.36 -10.41 -2.57
C ARG C 151 2.29 -11.52 -3.02
N GLY C 152 1.80 -12.43 -3.84
CA GLY C 152 2.68 -13.43 -4.44
C GLY C 152 2.34 -14.87 -4.10
N CYS C 153 1.16 -15.09 -3.53
CA CYS C 153 0.67 -16.44 -3.30
C CYS C 153 0.38 -17.14 -4.63
N GLY C 154 0.13 -16.36 -5.67
CA GLY C 154 -0.10 -16.93 -6.99
C GLY C 154 1.20 -17.48 -7.53
N ARG C 155 2.24 -16.65 -7.44
CA ARG C 155 3.59 -17.02 -7.84
C ARG C 155 4.02 -18.29 -7.11
N ASP C 156 3.80 -18.32 -5.80
CA ASP C 156 4.12 -19.47 -4.97
C ASP C 156 3.65 -20.79 -5.58
N VAL C 157 2.34 -20.97 -5.73
CA VAL C 157 1.82 -22.25 -6.21
C VAL C 157 2.08 -22.54 -7.69
N VAL C 158 2.07 -21.50 -8.53
CA VAL C 158 2.29 -21.74 -9.95
C VAL C 158 3.71 -22.25 -10.18
N GLU C 159 4.65 -21.65 -9.48
CA GLU C 159 6.04 -22.03 -9.55
C GLU C 159 6.23 -23.45 -9.04
N GLN C 160 5.58 -23.79 -7.93
CA GLN C 160 5.74 -25.12 -7.33
C GLN C 160 5.28 -26.17 -8.30
N VAL C 161 4.16 -25.91 -8.95
CA VAL C 161 3.61 -26.85 -9.93
C VAL C 161 4.51 -26.95 -11.17
N LEU C 162 4.97 -25.81 -11.66
CA LEU C 162 5.86 -25.82 -12.83
C LEU C 162 7.13 -26.61 -12.54
N LYS C 163 7.72 -26.37 -11.37
CA LYS C 163 8.93 -27.06 -10.95
C LYS C 163 8.74 -28.58 -10.89
N ALA C 164 7.60 -29.01 -10.36
CA ALA C 164 7.28 -30.43 -10.25
C ALA C 164 7.08 -31.11 -11.60
N HIS C 165 6.78 -30.32 -12.63
CA HIS C 165 6.68 -30.84 -13.99
C HIS C 165 7.98 -30.73 -14.77
N GLY C 166 9.01 -30.15 -14.17
CA GLY C 166 10.23 -29.87 -14.91
C GLY C 166 10.05 -28.75 -15.92
N LYS C 167 9.10 -27.87 -15.67
CA LYS C 167 8.79 -26.82 -16.63
C LYS C 167 9.15 -25.41 -16.14
N TRP C 168 9.84 -25.33 -15.01
CA TRP C 168 10.33 -24.06 -14.50
C TRP C 168 11.60 -23.71 -15.26
N MET C 169 11.41 -23.01 -16.37
CA MET C 169 12.36 -22.89 -17.49
C MET C 169 13.78 -23.40 -17.23
N SER D 5 23.73 -2.29 3.59
CA SER D 5 25.04 -2.91 3.82
C SER D 5 26.00 -2.49 2.71
N THR D 6 27.31 -2.50 2.97
CA THR D 6 28.24 -2.16 1.91
C THR D 6 28.33 -3.30 0.88
N ILE D 7 28.54 -2.91 -0.37
CA ILE D 7 28.55 -3.83 -1.49
C ILE D 7 29.94 -4.42 -1.65
N ASN D 8 30.00 -5.73 -1.87
CA ASN D 8 31.27 -6.41 -2.06
C ASN D 8 31.83 -6.18 -3.47
N TYR D 9 32.23 -4.96 -3.74
CA TYR D 9 32.70 -4.61 -5.06
C TYR D 9 33.43 -3.29 -4.94
N ASP D 10 34.38 -3.06 -5.83
CA ASP D 10 35.09 -1.79 -5.84
C ASP D 10 34.20 -0.80 -6.55
N LEU D 11 33.36 -0.10 -5.78
CA LEU D 11 32.37 0.80 -6.35
C LEU D 11 32.97 1.94 -7.16
N SER D 12 34.26 2.20 -6.93
CA SER D 12 34.98 3.26 -7.66
C SER D 12 35.01 3.01 -9.17
N ARG D 13 34.93 1.75 -9.59
CA ARG D 13 34.94 1.52 -11.03
C ARG D 13 33.57 1.41 -11.67
N ILE D 14 32.52 1.59 -10.87
CA ILE D 14 31.17 1.66 -11.43
C ILE D 14 30.95 3.04 -12.06
N LYS D 15 30.60 3.05 -13.34
CA LYS D 15 30.32 4.30 -14.07
C LYS D 15 28.88 4.33 -14.56
N ALA D 16 28.19 3.21 -14.41
CA ALA D 16 26.81 3.10 -14.88
C ALA D 16 25.98 2.18 -13.99
N LEU D 17 24.72 2.55 -13.79
CA LEU D 17 23.78 1.76 -13.00
C LEU D 17 22.52 1.53 -13.84
N ALA D 18 22.14 0.27 -14.00
CA ALA D 18 20.95 -0.04 -14.78
C ALA D 18 19.92 -0.75 -13.90
N PHE D 19 18.64 -0.51 -14.18
CA PHE D 19 17.57 -1.02 -13.31
C PHE D 19 16.41 -1.60 -14.07
N ASP D 20 15.93 -2.75 -13.59
CA ASP D 20 14.59 -3.21 -13.88
C ASP D 20 13.59 -2.23 -13.27
N VAL D 21 12.35 -2.25 -13.75
CA VAL D 21 11.30 -1.39 -13.19
C VAL D 21 10.48 -2.17 -12.16
N ASP D 22 9.68 -3.13 -12.63
CA ASP D 22 8.79 -3.85 -11.72
C ASP D 22 9.55 -4.74 -10.75
N GLY D 23 9.32 -4.52 -9.47
CA GLY D 23 9.97 -5.29 -8.43
C GLY D 23 11.33 -4.71 -8.06
N VAL D 24 11.69 -3.59 -8.69
CA VAL D 24 12.96 -2.91 -8.40
C VAL D 24 12.76 -1.41 -8.14
N LEU D 25 12.46 -0.64 -9.17
CA LEU D 25 12.16 0.79 -8.97
C LEU D 25 10.68 0.99 -8.62
N SER D 26 9.87 0.00 -9.00
CA SER D 26 8.45 0.01 -8.69
C SER D 26 8.13 -1.18 -7.82
N SER D 27 7.08 -1.09 -7.00
CA SER D 27 6.69 -2.22 -6.16
C SER D 27 6.29 -3.44 -6.99
N THR D 28 6.37 -4.62 -6.38
CA THR D 28 5.97 -5.84 -7.07
C THR D 28 4.45 -5.94 -7.13
N THR D 29 3.77 -5.41 -6.10
CA THR D 29 2.33 -5.41 -6.07
C THR D 29 1.87 -3.96 -6.24
N VAL D 30 1.03 -3.69 -7.23
CA VAL D 30 0.61 -2.32 -7.55
C VAL D 30 -0.86 -2.29 -7.96
N PRO D 31 -1.52 -1.13 -7.77
CA PRO D 31 -2.92 -1.03 -8.22
C PRO D 31 -2.99 -1.20 -9.73
N LEU D 32 -4.16 -1.61 -10.19
CA LEU D 32 -4.43 -1.76 -11.61
C LEU D 32 -5.24 -0.56 -12.06
N HIS D 33 -4.76 0.15 -13.07
CA HIS D 33 -5.55 1.20 -13.67
C HIS D 33 -6.80 0.60 -14.33
N PRO D 34 -7.90 1.36 -14.35
CA PRO D 34 -9.15 0.98 -15.01
C PRO D 34 -8.91 0.51 -16.44
N SER D 35 -7.82 0.98 -17.04
CA SER D 35 -7.45 0.60 -18.39
C SER D 35 -6.89 -0.81 -18.48
N GLY D 36 -6.50 -1.39 -17.35
CA GLY D 36 -5.84 -2.69 -17.37
C GLY D 36 -4.32 -2.64 -17.30
N GLU D 37 -3.75 -1.43 -17.29
CA GLU D 37 -2.30 -1.28 -17.17
C GLU D 37 -1.96 -1.01 -15.71
N PRO D 38 -0.91 -1.68 -15.20
CA PRO D 38 -0.46 -1.48 -13.81
C PRO D 38 -0.15 -0.02 -13.51
N MET D 39 -0.62 0.46 -12.37
CA MET D 39 -0.26 1.79 -11.90
C MET D 39 0.96 1.65 -11.01
N ARG D 40 2.13 1.89 -11.60
CA ARG D 40 3.41 1.65 -10.93
C ARG D 40 3.62 2.59 -9.75
N THR D 41 4.63 2.30 -8.94
CA THR D 41 4.99 3.17 -7.85
C THR D 41 6.38 3.72 -8.13
N VAL D 42 6.69 4.86 -7.52
CA VAL D 42 8.04 5.38 -7.52
C VAL D 42 8.36 5.74 -6.06
N ASN D 43 9.63 5.70 -5.72
CA ASN D 43 10.08 6.00 -4.39
C ASN D 43 10.80 7.34 -4.41
N ILE D 44 10.40 8.27 -3.54
CA ILE D 44 10.94 9.62 -3.58
C ILE D 44 12.44 9.67 -3.22
N LYS D 45 12.87 8.79 -2.32
CA LYS D 45 14.27 8.71 -1.92
C LYS D 45 15.12 8.09 -3.04
N ASP D 46 14.58 7.08 -3.72
CA ASP D 46 15.18 6.64 -4.99
C ASP D 46 15.39 7.83 -5.91
N GLY D 47 14.32 8.62 -6.07
CA GLY D 47 14.31 9.73 -6.99
C GLY D 47 15.39 10.76 -6.74
N TYR D 48 15.55 11.14 -5.48
CA TYR D 48 16.56 12.12 -5.13
C TYR D 48 17.94 11.65 -5.58
N ALA D 49 18.29 10.42 -5.26
CA ALA D 49 19.60 9.85 -5.58
C ALA D 49 19.81 9.70 -7.08
N ILE D 50 18.78 9.23 -7.78
CA ILE D 50 18.91 9.03 -9.22
C ILE D 50 19.13 10.34 -9.97
N GLN D 51 18.38 11.39 -9.62
CA GLN D 51 18.59 12.66 -10.31
C GLN D 51 19.97 13.23 -9.99
N LEU D 52 20.43 12.99 -8.77
CA LEU D 52 21.76 13.41 -8.36
C LEU D 52 22.83 12.66 -9.16
N ALA D 53 22.65 11.34 -9.27
CA ALA D 53 23.56 10.46 -10.00
C ALA D 53 23.73 10.90 -11.44
N VAL D 54 22.63 11.31 -12.06
CA VAL D 54 22.67 11.83 -13.43
C VAL D 54 23.44 13.14 -13.48
N LYS D 55 23.20 14.02 -12.52
CA LYS D 55 23.90 15.29 -12.43
C LYS D 55 25.41 15.12 -12.24
N LYS D 56 25.78 14.08 -11.50
CA LYS D 56 27.19 13.82 -11.19
C LYS D 56 27.92 12.98 -12.24
N GLY D 57 27.22 12.56 -13.30
CA GLY D 57 27.89 11.95 -14.44
C GLY D 57 27.75 10.45 -14.58
N LEU D 58 27.04 9.82 -13.66
CA LEU D 58 26.81 8.39 -13.79
C LEU D 58 25.79 8.14 -14.87
N HIS D 59 26.02 7.14 -15.70
CA HIS D 59 25.05 6.77 -16.72
C HIS D 59 23.99 5.92 -16.04
N ILE D 60 22.74 6.34 -16.15
CA ILE D 60 21.64 5.59 -15.56
C ILE D 60 20.77 5.03 -16.67
N ALA D 61 20.40 3.76 -16.54
CA ALA D 61 19.50 3.13 -17.50
C ALA D 61 18.35 2.41 -16.79
N ILE D 62 17.20 2.36 -17.44
CA ILE D 62 16.15 1.44 -17.01
C ILE D 62 15.88 0.47 -18.16
N ILE D 63 15.79 -0.82 -17.83
CA ILE D 63 15.53 -1.85 -18.82
C ILE D 63 14.33 -2.67 -18.38
N THR D 64 13.22 -2.52 -19.10
CA THR D 64 11.98 -3.20 -18.73
C THR D 64 11.29 -3.84 -19.93
N GLY D 65 10.64 -4.98 -19.70
CA GLY D 65 9.90 -5.67 -20.73
C GLY D 65 8.57 -5.03 -21.12
N GLY D 66 8.08 -4.09 -20.32
CA GLY D 66 6.79 -3.49 -20.63
C GLY D 66 6.87 -2.21 -21.45
N ARG D 67 5.72 -1.59 -21.75
CA ARG D 67 5.74 -0.21 -22.24
C ARG D 67 5.27 0.77 -21.15
N THR D 68 5.72 0.49 -19.93
CA THR D 68 5.54 1.35 -18.75
C THR D 68 5.69 2.86 -19.02
N GLU D 69 4.67 3.47 -19.63
CA GLU D 69 4.73 4.87 -20.04
C GLU D 69 4.99 5.86 -18.89
N ALA D 70 4.25 5.70 -17.79
CA ALA D 70 4.34 6.64 -16.68
C ALA D 70 5.74 6.63 -16.07
N VAL D 71 6.33 5.44 -16.01
CA VAL D 71 7.70 5.31 -15.51
C VAL D 71 8.69 5.98 -16.46
N ARG D 72 8.44 5.89 -17.76
CA ARG D 72 9.32 6.54 -18.73
C ARG D 72 9.34 8.04 -18.49
N ILE D 73 8.16 8.64 -18.40
CA ILE D 73 8.04 10.09 -18.21
C ILE D 73 8.71 10.56 -16.92
N ARG D 74 8.44 9.84 -15.84
CA ARG D 74 8.97 10.18 -14.52
C ARG D 74 10.50 10.21 -14.51
N PHE D 75 11.12 9.16 -15.02
CA PHE D 75 12.58 9.08 -14.97
C PHE D 75 13.22 9.99 -16.01
N ALA D 76 12.55 10.16 -17.15
CA ALA D 76 12.96 11.15 -18.13
C ALA D 76 13.03 12.51 -17.44
N ALA D 77 12.03 12.78 -16.60
CA ALA D 77 12.00 14.04 -15.86
C ALA D 77 13.10 14.11 -14.82
N LEU D 78 13.72 12.96 -14.51
CA LEU D 78 14.85 12.94 -13.57
C LEU D 78 16.20 13.06 -14.30
N GLY D 79 16.16 13.07 -15.62
CA GLY D 79 17.38 13.22 -16.41
C GLY D 79 17.89 11.93 -17.01
N VAL D 80 17.18 10.83 -16.76
CA VAL D 80 17.60 9.54 -17.29
C VAL D 80 17.29 9.45 -18.79
N LYS D 81 18.33 9.23 -19.58
CA LYS D 81 18.18 9.30 -21.03
C LYS D 81 18.18 7.93 -21.67
N ASP D 82 18.65 6.92 -20.94
CA ASP D 82 18.67 5.58 -21.47
C ASP D 82 17.52 4.73 -20.93
N LEU D 83 16.39 4.82 -21.59
CA LEU D 83 15.16 4.15 -21.18
C LEU D 83 14.80 3.02 -22.13
N TYR D 84 15.10 1.78 -21.75
CA TYR D 84 14.87 0.64 -22.63
C TYR D 84 13.60 -0.10 -22.28
N MET D 85 12.55 0.15 -23.04
CA MET D 85 11.26 -0.45 -22.74
C MET D 85 10.90 -1.48 -23.79
N GLY D 86 9.91 -2.33 -23.49
CA GLY D 86 9.55 -3.41 -24.37
C GLY D 86 10.77 -4.28 -24.61
N SER D 87 11.56 -4.46 -23.57
CA SER D 87 12.81 -5.21 -23.68
C SER D 87 12.55 -6.70 -23.51
N ALA D 88 12.20 -7.36 -24.61
CA ALA D 88 11.88 -8.78 -24.57
C ALA D 88 13.09 -9.63 -24.19
N VAL D 89 14.27 -9.21 -24.64
CA VAL D 89 15.51 -9.88 -24.28
C VAL D 89 16.44 -8.83 -23.68
N LYS D 90 16.43 -8.75 -22.36
CA LYS D 90 17.13 -7.68 -21.67
C LYS D 90 18.61 -7.61 -21.99
N ILE D 91 19.28 -8.76 -22.10
CA ILE D 91 20.72 -8.78 -22.38
C ILE D 91 21.13 -8.02 -23.65
N HIS D 92 20.27 -8.04 -24.66
CA HIS D 92 20.54 -7.28 -25.89
C HIS D 92 20.55 -5.78 -25.61
N ASP D 93 19.62 -5.32 -24.79
CA ASP D 93 19.55 -3.89 -24.45
C ASP D 93 20.65 -3.47 -23.48
N TYR D 94 21.00 -4.36 -22.55
CA TYR D 94 22.14 -4.11 -21.70
C TYR D 94 23.39 -3.86 -22.56
N ARG D 95 23.65 -4.76 -23.52
CA ARG D 95 24.79 -4.61 -24.42
C ARG D 95 24.82 -3.28 -25.17
N ASN D 96 23.70 -2.92 -25.78
CA ASN D 96 23.50 -1.61 -26.40
C ASN D 96 23.93 -0.48 -25.48
N PHE D 97 23.49 -0.57 -24.23
CA PHE D 97 23.76 0.47 -23.25
C PHE D 97 25.24 0.52 -22.93
N ARG D 98 25.82 -0.64 -22.65
CA ARG D 98 27.24 -0.74 -22.33
C ARG D 98 28.05 -0.14 -23.47
N ASP D 99 27.77 -0.60 -24.68
CA ASP D 99 28.59 -0.22 -25.83
C ASP D 99 28.41 1.24 -26.25
N LYS D 100 27.23 1.79 -26.00
CA LYS D 100 26.92 3.17 -26.31
C LYS D 100 27.88 4.13 -25.61
N TYR D 101 28.36 3.71 -24.45
CA TYR D 101 29.24 4.56 -23.67
C TYR D 101 30.65 4.01 -23.62
N GLY D 102 30.91 2.97 -24.41
CA GLY D 102 32.21 2.34 -24.44
C GLY D 102 32.59 1.85 -23.06
N LEU D 103 31.62 1.27 -22.38
CA LEU D 103 31.86 0.74 -21.06
C LEU D 103 32.35 -0.69 -21.14
N SER D 104 33.02 -1.11 -20.08
CA SER D 104 33.32 -2.53 -19.89
C SER D 104 32.26 -3.09 -18.95
N ASP D 105 32.03 -4.41 -18.98
CA ASP D 105 31.01 -5.00 -18.10
C ASP D 105 31.27 -4.70 -16.63
N ASP D 106 32.54 -4.68 -16.24
CA ASP D 106 32.92 -4.52 -14.84
C ASP D 106 32.61 -3.11 -14.32
N GLU D 107 32.22 -2.21 -15.22
CA GLU D 107 31.89 -0.84 -14.84
C GLU D 107 30.38 -0.64 -14.67
N ILE D 108 29.60 -1.69 -14.81
CA ILE D 108 28.15 -1.53 -14.78
C ILE D 108 27.49 -2.35 -13.69
N LEU D 109 26.61 -1.68 -12.94
CA LEU D 109 25.75 -2.32 -11.95
C LEU D 109 24.38 -2.55 -12.59
N TYR D 110 23.77 -3.71 -12.36
CA TYR D 110 22.39 -3.93 -12.77
C TYR D 110 21.60 -4.54 -11.63
N MET D 111 20.39 -4.04 -11.43
CA MET D 111 19.55 -4.53 -10.35
C MET D 111 18.28 -5.10 -10.95
N GLY D 112 18.02 -6.38 -10.65
CA GLY D 112 16.83 -7.06 -11.15
C GLY D 112 16.17 -7.83 -10.01
N ASP D 113 14.94 -8.30 -10.21
CA ASP D 113 14.25 -9.05 -9.18
C ASP D 113 13.75 -10.44 -9.60
N ASP D 114 13.67 -10.71 -10.89
CA ASP D 114 13.02 -11.93 -11.34
C ASP D 114 13.80 -12.58 -12.46
N VAL D 115 13.39 -13.77 -12.88
CA VAL D 115 14.25 -14.52 -13.81
C VAL D 115 14.56 -13.86 -15.18
N PRO D 116 13.65 -13.04 -15.75
CA PRO D 116 14.08 -12.39 -16.99
C PRO D 116 15.29 -11.46 -16.83
N ASP D 117 15.72 -11.22 -15.59
CA ASP D 117 16.85 -10.35 -15.30
C ASP D 117 18.16 -11.12 -15.17
N ILE D 118 18.07 -12.44 -15.17
CA ILE D 118 19.23 -13.26 -14.83
C ILE D 118 20.35 -13.18 -15.88
N GLU D 119 20.00 -13.19 -17.15
CA GLU D 119 21.04 -13.12 -18.19
C GLU D 119 21.90 -11.86 -18.09
N VAL D 120 21.26 -10.71 -17.86
CA VAL D 120 21.99 -9.47 -17.70
C VAL D 120 22.86 -9.52 -16.45
N MET D 121 22.29 -10.04 -15.37
CA MET D 121 22.99 -10.10 -14.11
C MET D 121 24.24 -10.97 -14.22
N ARG D 122 24.20 -11.98 -15.07
CA ARG D 122 25.36 -12.82 -15.31
C ARG D 122 26.47 -12.14 -16.13
N GLU D 123 26.11 -11.13 -16.91
CA GLU D 123 27.10 -10.47 -17.75
C GLU D 123 27.61 -9.16 -17.16
N CYS D 124 26.79 -8.52 -16.32
CA CYS D 124 27.21 -7.25 -15.74
C CYS D 124 28.24 -7.49 -14.65
N GLY D 125 29.01 -6.44 -14.36
CA GLY D 125 30.06 -6.53 -13.35
C GLY D 125 29.51 -6.66 -11.96
N LEU D 126 28.44 -5.93 -11.67
CA LEU D 126 27.89 -5.86 -10.32
C LEU D 126 26.38 -6.12 -10.29
N PRO D 127 25.98 -7.40 -10.27
CA PRO D 127 24.56 -7.75 -10.20
C PRO D 127 24.03 -7.56 -8.78
N CYS D 128 22.87 -6.90 -8.68
CA CYS D 128 22.29 -6.54 -7.40
C CYS D 128 20.83 -6.94 -7.45
N CYS D 129 20.21 -7.11 -6.29
CA CYS D 129 18.79 -7.33 -6.27
C CYS D 129 18.17 -6.82 -4.99
N PRO D 130 16.84 -6.61 -4.98
CA PRO D 130 16.15 -6.17 -3.77
C PRO D 130 16.05 -7.30 -2.75
N LYS D 131 15.64 -6.95 -1.54
CA LYS D 131 15.56 -7.91 -0.44
C LYS D 131 14.54 -9.01 -0.77
N ASP D 132 13.56 -8.68 -1.60
CA ASP D 132 12.49 -9.63 -1.89
C ASP D 132 12.56 -10.15 -3.32
N ALA D 133 13.76 -10.14 -3.92
CA ALA D 133 13.94 -10.78 -5.20
C ALA D 133 13.73 -12.29 -5.06
N VAL D 134 13.43 -12.96 -6.17
CA VAL D 134 13.27 -14.42 -6.18
C VAL D 134 14.60 -15.14 -5.91
N PRO D 135 14.53 -16.35 -5.34
CA PRO D 135 15.76 -17.08 -5.00
C PRO D 135 16.74 -17.24 -6.17
N GLU D 136 16.22 -17.51 -7.37
CA GLU D 136 17.08 -17.65 -8.55
C GLU D 136 17.90 -16.39 -8.78
N VAL D 137 17.28 -15.24 -8.53
CA VAL D 137 17.98 -13.98 -8.69
C VAL D 137 18.97 -13.71 -7.56
N LYS D 138 18.57 -13.99 -6.32
CA LYS D 138 19.50 -13.80 -5.20
C LYS D 138 20.79 -14.60 -5.39
N SER D 139 20.67 -15.80 -5.94
CA SER D 139 21.84 -16.66 -6.09
C SER D 139 22.86 -16.11 -7.10
N VAL D 140 22.41 -15.27 -8.03
CA VAL D 140 23.29 -14.68 -9.04
C VAL D 140 23.77 -13.27 -8.62
N ALA D 141 23.11 -12.69 -7.64
CA ALA D 141 23.46 -11.34 -7.18
C ALA D 141 24.72 -11.29 -6.32
N LYS D 142 25.57 -10.30 -6.53
CA LYS D 142 26.72 -10.06 -5.65
C LYS D 142 26.32 -9.28 -4.41
N TYR D 143 25.19 -8.57 -4.49
CA TYR D 143 24.71 -7.76 -3.39
C TYR D 143 23.20 -7.79 -3.35
N ILE D 144 22.66 -7.95 -2.15
CA ILE D 144 21.22 -7.95 -1.93
C ILE D 144 20.90 -6.78 -1.02
N SER D 145 20.06 -5.88 -1.50
CA SER D 145 19.70 -4.68 -0.76
C SER D 145 18.92 -5.00 0.51
N TYR D 146 18.97 -4.09 1.48
CA TYR D 146 18.21 -4.21 2.71
C TYR D 146 16.75 -3.87 2.43
N ALA D 147 16.50 -3.25 1.29
CA ALA D 147 15.16 -2.76 0.93
C ALA D 147 14.47 -3.63 -0.10
N ASP D 148 13.15 -3.80 0.09
CA ASP D 148 12.29 -4.50 -0.87
C ASP D 148 12.16 -3.71 -2.15
N GLY D 149 11.77 -4.40 -3.22
CA GLY D 149 11.59 -3.79 -4.52
C GLY D 149 10.57 -2.66 -4.46
N GLY D 150 10.97 -1.50 -4.99
CA GLY D 150 10.09 -0.35 -5.03
C GLY D 150 10.16 0.49 -3.77
N ARG D 151 10.82 -0.02 -2.72
CA ARG D 151 10.81 0.66 -1.43
C ARG D 151 12.20 1.15 -0.98
N GLY D 152 13.05 1.49 -1.93
CA GLY D 152 14.31 2.14 -1.60
C GLY D 152 15.55 1.34 -1.94
N CYS D 153 15.40 0.22 -2.65
CA CYS D 153 16.57 -0.55 -3.06
C CYS D 153 17.38 0.19 -4.14
N GLY D 154 16.69 1.01 -4.93
CA GLY D 154 17.38 1.89 -5.86
C GLY D 154 18.23 2.93 -5.15
N ARG D 155 17.63 3.61 -4.17
CA ARG D 155 18.32 4.59 -3.35
C ARG D 155 19.57 3.99 -2.73
N ASP D 156 19.42 2.79 -2.18
CA ASP D 156 20.50 2.06 -1.56
C ASP D 156 21.77 2.01 -2.42
N VAL D 157 21.70 1.34 -3.56
CA VAL D 157 22.87 1.18 -4.40
C VAL D 157 23.33 2.48 -5.06
N VAL D 158 22.40 3.37 -5.41
CA VAL D 158 22.82 4.61 -6.04
C VAL D 158 23.60 5.45 -5.04
N GLU D 159 23.09 5.56 -3.83
CA GLU D 159 23.79 6.30 -2.78
C GLU D 159 25.16 5.68 -2.48
N GLN D 160 25.25 4.37 -2.44
CA GLN D 160 26.54 3.73 -2.19
C GLN D 160 27.57 4.09 -3.26
N VAL D 161 27.16 4.01 -4.52
CA VAL D 161 28.08 4.33 -5.61
C VAL D 161 28.50 5.78 -5.57
N LEU D 162 27.55 6.69 -5.36
CA LEU D 162 27.88 8.12 -5.31
C LEU D 162 28.82 8.42 -4.16
N LYS D 163 28.54 7.86 -2.99
CA LYS D 163 29.43 8.06 -1.85
C LYS D 163 30.83 7.56 -2.16
N ALA D 164 30.94 6.40 -2.82
CA ALA D 164 32.25 5.82 -3.11
C ALA D 164 33.04 6.68 -4.08
N HIS D 165 32.36 7.48 -4.89
CA HIS D 165 33.02 8.43 -5.78
C HIS D 165 33.27 9.77 -5.09
N GLY D 166 32.83 9.91 -3.85
CA GLY D 166 32.88 11.18 -3.16
C GLY D 166 32.00 12.23 -3.83
N LYS D 167 30.90 11.76 -4.43
CA LYS D 167 29.99 12.65 -5.14
C LYS D 167 28.62 12.71 -4.48
N TRP D 168 28.57 12.32 -3.21
CA TRP D 168 27.31 12.34 -2.48
C TRP D 168 27.06 13.73 -1.95
N MET D 169 28.01 14.26 -1.18
CA MET D 169 27.93 15.66 -0.77
C MET D 169 28.33 16.54 -1.95
MG MG E . -11.80 7.74 11.50
MG MG F . 11.06 14.54 1.92
C FMT G . 7.63 3.29 1.98
O1 FMT G . 8.73 3.14 1.38
O2 FMT G . 6.90 4.29 1.96
MG MG H . -11.73 -13.57 -2.88
C FMT I . -8.97 -35.40 -5.15
O1 FMT I . -9.81 -35.32 -6.04
O2 FMT I . -7.75 -35.60 -5.32
MG MG J . 11.07 -7.11 -12.32
#